data_9FU8
#
_entry.id   9FU8
#
_entity_poly.entity_id   1
_entity_poly.type   'polypeptide(L)'
_entity_poly.pdbx_seq_one_letter_code
;GPMGLLPLKVTHTTLCWGSTKLRTDVRKSMQVKNTADKRLVIRLGIQGPGFQLVGTDSSTITLQAMECRSVVINFCPTVC
GAAIGALSFYAPPGAHNSNQPGLEIPLYGYGGS
;
_entity_poly.pdbx_strand_id   A
#
# COMPACT_ATOMS: atom_id res chain seq x y z
N PRO A 2 -1.88 -35.98 -12.29
CA PRO A 2 -1.69 -34.63 -12.81
C PRO A 2 -2.64 -33.63 -12.17
N MET A 3 -2.32 -33.20 -10.95
CA MET A 3 -3.15 -32.25 -10.22
C MET A 3 -2.29 -31.36 -9.32
N GLY A 4 -2.47 -30.05 -9.44
CA GLY A 4 -1.70 -29.12 -8.64
C GLY A 4 -1.88 -27.68 -9.09
N LEU A 5 -1.89 -26.76 -8.14
CA LEU A 5 -2.05 -25.34 -8.44
C LEU A 5 -1.06 -24.49 -7.65
N LEU A 6 -0.78 -23.30 -8.16
CA LEU A 6 0.16 -22.39 -7.50
C LEU A 6 -0.47 -21.02 -7.30
N PRO A 7 -1.47 -20.96 -6.40
CA PRO A 7 -2.18 -19.71 -6.08
C PRO A 7 -1.29 -18.72 -5.32
N LEU A 8 -1.51 -17.44 -5.58
CA LEU A 8 -0.73 -16.40 -4.91
C LEU A 8 -1.64 -15.40 -4.21
N LYS A 9 -1.34 -15.10 -2.95
CA LYS A 9 -2.13 -14.16 -2.17
C LYS A 9 -1.29 -12.97 -1.73
N VAL A 10 -1.94 -11.84 -1.52
CA VAL A 10 -1.25 -10.62 -1.09
C VAL A 10 -1.76 -10.15 0.27
N THR A 11 -0.95 -9.35 0.95
CA THR A 11 -1.32 -8.83 2.26
C THR A 11 -1.36 -7.31 2.26
N HIS A 12 -0.75 -6.70 1.24
CA HIS A 12 -0.71 -5.25 1.12
C HIS A 12 -2.04 -4.72 0.58
N THR A 13 -2.77 -5.57 -0.13
CA THR A 13 -4.06 -5.19 -0.70
C THR A 13 -4.90 -4.43 0.32
N THR A 14 -4.80 -4.81 1.57
CA THR A 14 -5.55 -4.16 2.64
C THR A 14 -4.77 -4.14 3.94
N LEU A 15 -4.85 -3.04 4.67
CA LEU A 15 -4.14 -2.90 5.95
C LEU A 15 -5.12 -2.92 7.11
N CYS A 16 -4.70 -3.55 8.22
CA CYS A 16 -5.54 -3.64 9.40
C CYS A 16 -4.89 -2.92 10.58
N TRP A 17 -5.66 -2.05 11.23
CA TRP A 17 -5.16 -1.29 12.37
C TRP A 17 -5.93 -1.64 13.64
N GLY A 18 -5.28 -1.47 14.79
CA GLY A 18 -5.92 -1.79 16.05
C GLY A 18 -6.39 -0.54 16.79
N SER A 19 -6.87 -0.73 18.02
CA SER A 19 -7.34 0.39 18.82
C SER A 19 -6.19 1.33 19.19
N THR A 20 -6.31 2.59 18.76
CA THR A 20 -5.29 3.58 19.04
C THR A 20 -5.80 4.65 20.00
N LYS A 21 -4.98 5.02 20.97
CA LYS A 21 -5.35 6.03 21.95
C LYS A 21 -4.52 7.29 21.77
N LEU A 22 -5.05 8.42 22.24
CA LEU A 22 -4.36 9.70 22.13
C LEU A 22 -3.05 9.67 22.90
N ARG A 23 -2.09 10.50 22.46
CA ARG A 23 -0.79 10.57 23.10
C ARG A 23 -0.03 9.25 22.96
N THR A 24 -0.48 8.42 22.01
CA THR A 24 0.15 7.14 21.77
C THR A 24 0.79 7.09 20.38
N ASP A 25 1.71 6.15 20.19
CA ASP A 25 2.39 6.00 18.91
C ASP A 25 2.29 4.57 18.40
N VAL A 26 1.83 4.42 17.16
CA VAL A 26 1.69 3.10 16.56
C VAL A 26 2.39 3.03 15.20
N ARG A 27 3.12 1.95 14.98
CA ARG A 27 3.85 1.77 13.72
C ARG A 27 3.43 0.46 13.05
N LYS A 28 3.00 0.56 11.80
CA LYS A 28 2.57 -0.61 11.05
C LYS A 28 3.37 -0.74 9.75
N SER A 29 3.62 -1.97 9.33
CA SER A 29 4.37 -2.23 8.12
C SER A 29 3.76 -3.39 7.33
N MET A 30 3.86 -3.32 6.01
CA MET A 30 3.31 -4.36 5.14
C MET A 30 4.15 -4.52 3.88
N GLN A 31 4.13 -5.71 3.30
CA GLN A 31 4.89 -5.98 2.08
C GLN A 31 4.06 -6.81 1.10
N VAL A 32 4.31 -6.60 -0.19
CA VAL A 32 3.59 -7.32 -1.24
C VAL A 32 4.55 -8.09 -2.12
N LYS A 33 4.14 -9.30 -2.51
CA LYS A 33 4.96 -10.14 -3.37
C LYS A 33 4.14 -10.71 -4.52
N ASN A 34 4.69 -10.64 -5.73
CA ASN A 34 4.01 -11.15 -6.92
C ASN A 34 5.01 -11.53 -8.00
N THR A 35 5.19 -12.83 -8.19
CA THR A 35 6.13 -13.33 -9.19
C THR A 35 5.62 -13.05 -10.59
N ALA A 36 6.29 -12.14 -11.29
CA ALA A 36 5.91 -11.78 -12.65
C ALA A 36 6.92 -12.31 -13.66
N ASP A 37 6.45 -12.59 -14.87
CA ASP A 37 7.32 -13.10 -15.92
C ASP A 37 7.68 -11.99 -16.91
N LYS A 38 6.99 -10.86 -16.81
CA LYS A 38 7.24 -9.73 -17.69
C LYS A 38 7.84 -8.55 -16.92
N ARG A 39 8.46 -7.63 -17.64
CA ARG A 39 9.08 -6.47 -17.03
C ARG A 39 8.30 -5.20 -17.37
N LEU A 40 7.41 -4.80 -16.47
CA LEU A 40 6.60 -3.60 -16.67
C LEU A 40 6.98 -2.51 -15.66
N VAL A 41 7.02 -1.27 -16.14
CA VAL A 41 7.37 -0.15 -15.28
C VAL A 41 6.11 0.61 -14.85
N ILE A 42 5.89 0.68 -13.55
CA ILE A 42 4.73 1.38 -13.01
C ILE A 42 5.16 2.48 -12.04
N ARG A 43 4.31 3.50 -11.90
CA ARG A 43 4.59 4.62 -11.01
C ARG A 43 3.59 4.66 -9.86
N LEU A 44 4.11 4.68 -8.64
CA LEU A 44 3.26 4.72 -7.46
C LEU A 44 3.52 5.99 -6.65
N GLY A 45 2.43 6.66 -6.25
CA GLY A 45 2.55 7.88 -5.48
C GLY A 45 1.60 7.92 -4.30
N ILE A 46 1.96 8.69 -3.27
CA ILE A 46 1.12 8.81 -2.08
C ILE A 46 0.72 10.26 -1.84
N GLN A 47 -0.42 10.45 -1.20
CA GLN A 47 -0.92 11.79 -0.90
C GLN A 47 -1.15 11.97 0.59
N GLY A 48 -0.78 13.14 1.11
CA GLY A 48 -0.95 13.41 2.53
C GLY A 48 0.36 13.37 3.29
N PRO A 49 0.96 14.55 3.50
CA PRO A 49 2.23 14.68 4.22
C PRO A 49 2.09 14.38 5.71
N GLY A 50 2.95 13.51 6.22
CA GLY A 50 2.89 13.16 7.63
C GLY A 50 2.52 11.70 7.85
N PHE A 51 1.29 11.35 7.46
CA PHE A 51 0.80 9.98 7.62
C PHE A 51 0.55 9.34 6.26
N GLN A 52 1.10 8.15 6.06
CA GLN A 52 0.92 7.43 4.80
C GLN A 52 1.90 6.26 4.69
N LEU A 53 1.98 5.67 3.52
CA LEU A 53 2.88 4.54 3.29
C LEU A 53 4.33 5.01 3.18
N VAL A 54 4.87 5.48 4.29
CA VAL A 54 6.26 5.95 4.32
C VAL A 54 7.23 4.80 4.52
N GLY A 55 8.46 4.98 4.06
CA GLY A 55 9.47 3.95 4.20
C GLY A 55 10.31 3.79 2.95
N THR A 56 10.59 2.54 2.59
CA THR A 56 11.39 2.25 1.40
C THR A 56 10.50 1.95 0.20
N ASP A 57 9.36 2.61 0.14
CA ASP A 57 8.41 2.42 -0.96
C ASP A 57 9.05 2.80 -2.29
N SER A 58 9.33 1.80 -3.12
CA SER A 58 9.94 2.03 -4.42
C SER A 58 9.20 1.26 -5.51
N SER A 59 8.57 2.00 -6.42
CA SER A 59 7.83 1.38 -7.52
C SER A 59 8.07 2.12 -8.83
N THR A 60 8.09 3.45 -8.75
CA THR A 60 8.32 4.28 -9.93
C THR A 60 9.64 3.93 -10.60
N ILE A 61 10.61 3.48 -9.81
CA ILE A 61 11.91 3.11 -10.33
C ILE A 61 11.79 2.02 -11.40
N THR A 62 12.93 1.52 -11.86
CA THR A 62 12.95 0.47 -12.87
C THR A 62 12.73 -0.90 -12.25
N LEU A 63 11.47 -1.25 -12.02
CA LEU A 63 11.13 -2.53 -11.42
C LEU A 63 9.84 -3.08 -12.03
N GLN A 64 9.37 -4.20 -11.49
CA GLN A 64 8.14 -4.83 -11.97
C GLN A 64 7.41 -5.54 -10.84
N ALA A 65 6.34 -6.25 -11.19
CA ALA A 65 5.56 -6.98 -10.20
C ALA A 65 6.44 -7.93 -9.39
N MET A 66 7.48 -8.45 -10.02
CA MET A 66 8.40 -9.37 -9.37
C MET A 66 9.12 -8.67 -8.21
N GLU A 67 9.26 -7.36 -8.31
CA GLU A 67 9.93 -6.58 -7.28
C GLU A 67 9.21 -6.70 -5.94
N CYS A 68 9.54 -5.82 -5.01
CA CYS A 68 8.92 -5.84 -3.69
C CYS A 68 8.54 -4.42 -3.25
N ARG A 69 7.37 -4.30 -2.63
CA ARG A 69 6.89 -3.00 -2.17
C ARG A 69 6.66 -3.02 -0.66
N SER A 70 7.32 -2.10 0.04
CA SER A 70 7.20 -2.01 1.49
C SER A 70 6.47 -0.73 1.89
N VAL A 71 5.35 -0.89 2.60
CA VAL A 71 4.57 0.25 3.04
C VAL A 71 4.48 0.30 4.57
N VAL A 72 5.08 1.34 5.16
CA VAL A 72 5.07 1.50 6.60
C VAL A 72 4.39 2.80 7.01
N ILE A 73 3.35 2.68 7.84
CA ILE A 73 2.62 3.85 8.29
C ILE A 73 2.68 3.98 9.82
N ASN A 74 2.82 5.22 10.29
CA ASN A 74 2.91 5.48 11.72
C ASN A 74 1.81 6.44 12.16
N PHE A 75 0.98 5.99 13.11
CA PHE A 75 -0.11 6.81 13.61
C PHE A 75 0.17 7.27 15.04
N CYS A 76 -0.01 8.56 15.29
CA CYS A 76 0.23 9.13 16.62
C CYS A 76 -0.54 10.43 16.79
N PRO A 77 -1.88 10.36 16.72
CA PRO A 77 -2.75 11.52 16.86
C PRO A 77 -2.76 12.07 18.28
N THR A 78 -3.19 13.32 18.44
CA THR A 78 -3.24 13.95 19.75
C THR A 78 -4.68 14.06 20.25
N VAL A 79 -5.62 14.23 19.32
CA VAL A 79 -7.03 14.34 19.66
C VAL A 79 -7.90 13.59 18.67
N CYS A 80 -9.06 13.14 19.13
CA CYS A 80 -9.99 12.40 18.27
C CYS A 80 -10.22 13.13 16.95
N GLY A 81 -9.69 12.57 15.87
CA GLY A 81 -9.85 13.17 14.57
C GLY A 81 -10.27 12.18 13.51
N ALA A 82 -10.62 12.69 12.33
CA ALA A 82 -11.06 11.83 11.23
C ALA A 82 -10.10 11.93 10.05
N ALA A 83 -8.93 11.31 10.18
CA ALA A 83 -7.93 11.33 9.13
C ALA A 83 -7.59 9.91 8.66
N ILE A 84 -7.71 9.68 7.36
CA ILE A 84 -7.41 8.37 6.80
C ILE A 84 -6.59 8.49 5.52
N GLY A 85 -5.76 7.49 5.26
CA GLY A 85 -4.93 7.51 4.06
C GLY A 85 -5.37 6.50 3.02
N ALA A 86 -4.61 6.38 1.95
CA ALA A 86 -4.93 5.45 0.88
C ALA A 86 -3.87 5.47 -0.21
N LEU A 87 -3.64 4.32 -0.83
CA LEU A 87 -2.65 4.19 -1.89
C LEU A 87 -3.31 4.12 -3.26
N SER A 88 -2.72 4.79 -4.24
CA SER A 88 -3.27 4.79 -5.60
C SER A 88 -2.27 4.17 -6.58
N PHE A 89 -2.80 3.52 -7.61
CA PHE A 89 -1.96 2.88 -8.61
C PHE A 89 -2.12 3.56 -9.97
N TYR A 90 -1.06 3.54 -10.76
CA TYR A 90 -1.08 4.17 -12.09
C TYR A 90 -0.83 3.13 -13.17
N ALA A 91 -1.40 3.37 -14.36
CA ALA A 91 -1.23 2.46 -15.48
C ALA A 91 0.17 2.56 -16.07
N PRO A 92 0.61 1.49 -16.75
CA PRO A 92 1.94 1.43 -17.37
C PRO A 92 2.05 2.36 -18.57
N PRO A 93 3.28 2.56 -19.05
CA PRO A 93 3.55 3.42 -20.20
C PRO A 93 3.05 2.82 -21.51
N GLY A 94 3.30 1.52 -21.70
CA GLY A 94 2.86 0.85 -22.90
C GLY A 94 1.35 0.68 -22.96
N ALA A 95 0.89 -0.12 -23.92
CA ALA A 95 -0.54 -0.36 -24.07
C ALA A 95 -0.93 -1.72 -23.51
N HIS A 96 -0.29 -2.11 -22.41
CA HIS A 96 -0.57 -3.40 -21.78
C HIS A 96 -2.06 -3.53 -21.47
N ASN A 97 -2.62 -4.68 -21.81
CA ASN A 97 -4.04 -4.95 -21.57
C ASN A 97 -4.38 -4.77 -20.10
N SER A 98 -5.05 -3.66 -19.79
CA SER A 98 -5.44 -3.37 -18.41
C SER A 98 -6.95 -3.23 -18.30
N ASN A 99 -7.54 -3.96 -17.35
CA ASN A 99 -8.98 -3.93 -17.14
C ASN A 99 -9.33 -2.97 -16.00
N GLN A 100 -9.80 -1.78 -16.36
CA GLN A 100 -10.18 -0.78 -15.38
C GLN A 100 -9.21 -0.78 -14.21
N PRO A 101 -7.95 -0.39 -14.47
CA PRO A 101 -6.91 -0.34 -13.44
C PRO A 101 -7.14 0.77 -12.43
N GLY A 102 -6.16 1.00 -11.57
CA GLY A 102 -6.27 2.03 -10.56
C GLY A 102 -6.93 1.55 -9.28
N LEU A 103 -6.32 0.56 -8.65
CA LEU A 103 -6.85 -0.01 -7.41
C LEU A 103 -6.52 0.88 -6.21
N GLU A 104 -7.40 0.89 -5.22
CA GLU A 104 -7.19 1.69 -4.03
C GLU A 104 -7.28 0.82 -2.77
N ILE A 105 -6.27 0.93 -1.91
CA ILE A 105 -6.23 0.16 -0.68
C ILE A 105 -6.86 0.94 0.46
N PRO A 106 -7.87 0.33 1.12
CA PRO A 106 -8.58 0.93 2.25
C PRO A 106 -7.70 1.04 3.48
N LEU A 107 -7.38 2.27 3.88
CA LEU A 107 -6.55 2.50 5.06
C LEU A 107 -7.33 3.26 6.13
N TYR A 108 -8.03 2.52 6.99
CA TYR A 108 -8.81 3.12 8.06
C TYR A 108 -7.99 3.25 9.33
N GLY A 109 -8.01 4.44 9.92
CA GLY A 109 -7.26 4.68 11.15
C GLY A 109 -7.56 6.02 11.76
N TYR A 110 -8.07 6.02 12.98
CA TYR A 110 -8.41 7.26 13.67
C TYR A 110 -7.74 7.31 15.05
N GLY A 111 -8.05 8.35 15.81
CA GLY A 111 -7.48 8.51 17.14
C GLY A 111 -8.47 8.18 18.24
N GLY A 112 -7.95 7.91 19.43
CA GLY A 112 -8.80 7.57 20.55
C GLY A 112 -9.51 8.79 21.12
N SER A 113 -10.02 8.67 22.34
CA SER A 113 -10.73 9.76 22.98
C SER A 113 -10.48 9.75 24.49
N PRO A 2 -2.98 -29.97 -14.30
CA PRO A 2 -2.75 -29.89 -15.75
C PRO A 2 -3.04 -28.49 -16.30
N MET A 3 -4.29 -28.24 -16.66
CA MET A 3 -4.70 -26.94 -17.19
C MET A 3 -5.60 -26.20 -16.21
N GLY A 4 -5.15 -25.03 -15.77
CA GLY A 4 -5.93 -24.25 -14.83
C GLY A 4 -5.41 -22.84 -14.68
N LEU A 5 -5.39 -22.34 -13.45
CA LEU A 5 -4.91 -20.99 -13.18
C LEU A 5 -3.98 -20.99 -11.96
N LEU A 6 -3.12 -19.97 -11.88
CA LEU A 6 -2.20 -19.85 -10.77
C LEU A 6 -2.23 -18.43 -10.19
N PRO A 7 -3.33 -18.08 -9.52
CA PRO A 7 -3.50 -16.77 -8.91
C PRO A 7 -2.59 -16.56 -7.71
N LEU A 8 -2.27 -15.29 -7.43
CA LEU A 8 -1.40 -14.96 -6.30
C LEU A 8 -2.08 -13.96 -5.36
N LYS A 9 -1.79 -14.08 -4.07
CA LYS A 9 -2.38 -13.19 -3.07
C LYS A 9 -1.29 -12.35 -2.41
N VAL A 10 -1.69 -11.16 -1.95
CA VAL A 10 -0.76 -10.25 -1.29
C VAL A 10 -1.26 -9.85 0.08
N THR A 11 -0.41 -9.18 0.86
CA THR A 11 -0.77 -8.75 2.20
C THR A 11 -0.90 -7.22 2.26
N HIS A 12 -0.33 -6.55 1.27
CA HIS A 12 -0.38 -5.09 1.21
C HIS A 12 -1.76 -4.62 0.73
N THR A 13 -2.45 -5.48 0.00
CA THR A 13 -3.77 -5.15 -0.52
C THR A 13 -4.64 -4.52 0.55
N THR A 14 -4.46 -4.96 1.79
CA THR A 14 -5.24 -4.42 2.90
C THR A 14 -4.41 -4.39 4.18
N LEU A 15 -4.56 -3.33 4.95
CA LEU A 15 -3.83 -3.19 6.21
C LEU A 15 -4.77 -3.17 7.40
N CYS A 16 -4.33 -3.74 8.51
CA CYS A 16 -5.14 -3.80 9.72
C CYS A 16 -4.48 -3.02 10.86
N TRP A 17 -5.26 -2.19 11.55
CA TRP A 17 -4.75 -1.40 12.65
C TRP A 17 -5.48 -1.73 13.95
N GLY A 18 -4.80 -1.51 15.07
CA GLY A 18 -5.41 -1.80 16.36
C GLY A 18 -5.97 -0.56 17.02
N SER A 19 -6.42 -0.70 18.26
CA SER A 19 -7.00 0.41 19.01
C SER A 19 -5.92 1.46 19.31
N THR A 20 -6.14 2.68 18.81
CA THR A 20 -5.19 3.77 19.03
C THR A 20 -5.80 4.85 19.93
N LYS A 21 -5.00 5.34 20.86
CA LYS A 21 -5.45 6.39 21.77
C LYS A 21 -4.72 7.69 21.53
N LEU A 22 -5.33 8.80 21.91
CA LEU A 22 -4.73 10.12 21.73
C LEU A 22 -3.43 10.24 22.50
N ARG A 23 -2.52 11.08 22.02
CA ARG A 23 -1.23 11.28 22.66
C ARG A 23 -0.39 10.02 22.60
N THR A 24 -0.77 9.10 21.71
CA THR A 24 -0.04 7.85 21.55
C THR A 24 0.61 7.76 20.17
N ASP A 25 1.58 6.88 20.04
CA ASP A 25 2.29 6.69 18.77
C ASP A 25 2.29 5.22 18.36
N VAL A 26 1.88 4.96 17.12
CA VAL A 26 1.83 3.60 16.61
C VAL A 26 2.59 3.49 15.29
N ARG A 27 3.39 2.44 15.15
CA ARG A 27 4.16 2.21 13.94
C ARG A 27 3.76 0.91 13.27
N LYS A 28 3.46 0.98 11.98
CA LYS A 28 3.05 -0.19 11.22
C LYS A 28 3.82 -0.28 9.91
N SER A 29 4.10 -1.51 9.47
CA SER A 29 4.83 -1.73 8.23
C SER A 29 4.23 -2.88 7.44
N MET A 30 4.35 -2.82 6.11
CA MET A 30 3.81 -3.85 5.24
C MET A 30 4.68 -4.02 4.00
N GLN A 31 4.66 -5.22 3.42
CA GLN A 31 5.44 -5.51 2.22
C GLN A 31 4.63 -6.32 1.22
N VAL A 32 4.96 -6.18 -0.06
CA VAL A 32 4.26 -6.91 -1.11
C VAL A 32 5.22 -7.77 -1.91
N LYS A 33 4.80 -8.98 -2.22
CA LYS A 33 5.62 -9.91 -3.00
C LYS A 33 4.89 -10.38 -4.25
N ASN A 34 5.62 -10.45 -5.36
CA ASN A 34 5.03 -10.89 -6.62
C ASN A 34 6.12 -11.38 -7.58
N THR A 35 6.11 -12.69 -7.85
CA THR A 35 7.08 -13.29 -8.75
C THR A 35 6.65 -13.15 -10.21
N ALA A 36 7.36 -12.31 -10.94
CA ALA A 36 7.06 -12.08 -12.35
C ALA A 36 8.23 -12.50 -13.24
N ASP A 37 7.93 -12.81 -14.49
CA ASP A 37 8.96 -13.22 -15.45
C ASP A 37 9.24 -12.11 -16.46
N LYS A 38 8.40 -11.09 -16.46
CA LYS A 38 8.55 -9.96 -17.37
C LYS A 38 8.79 -8.67 -16.61
N ARG A 39 9.34 -7.67 -17.28
CA ARG A 39 9.62 -6.37 -16.67
C ARG A 39 8.49 -5.39 -16.94
N LEU A 40 7.89 -4.88 -15.87
CA LEU A 40 6.79 -3.92 -15.98
C LEU A 40 7.05 -2.69 -15.14
N VAL A 41 6.72 -1.53 -15.68
CA VAL A 41 6.92 -0.27 -14.98
C VAL A 41 5.60 0.23 -14.36
N ILE A 42 5.59 0.36 -13.04
CA ILE A 42 4.41 0.82 -12.33
C ILE A 42 4.70 2.10 -11.54
N ARG A 43 3.69 2.97 -11.44
CA ARG A 43 3.85 4.22 -10.72
C ARG A 43 2.95 4.25 -9.48
N LEU A 44 3.56 4.41 -8.31
CA LEU A 44 2.82 4.46 -7.07
C LEU A 44 3.17 5.71 -6.26
N GLY A 45 2.15 6.40 -5.78
CA GLY A 45 2.36 7.61 -5.00
C GLY A 45 1.49 7.66 -3.76
N ILE A 46 1.97 8.36 -2.74
CA ILE A 46 1.23 8.49 -1.49
C ILE A 46 1.01 9.96 -1.14
N GLN A 47 -0.05 10.23 -0.39
CA GLN A 47 -0.39 11.59 0.02
C GLN A 47 -0.55 11.68 1.53
N GLY A 48 -0.02 12.75 2.12
CA GLY A 48 -0.13 12.94 3.55
C GLY A 48 1.21 13.25 4.19
N PRO A 49 1.45 14.54 4.49
CA PRO A 49 2.68 14.99 5.10
C PRO A 49 2.81 14.54 6.56
N GLY A 50 3.31 13.32 6.75
CA GLY A 50 3.48 12.79 8.09
C GLY A 50 2.78 11.46 8.28
N PHE A 51 1.60 11.32 7.67
CA PHE A 51 0.83 10.09 7.78
C PHE A 51 0.78 9.36 6.44
N GLN A 52 0.07 8.25 6.41
CA GLN A 52 -0.06 7.44 5.19
C GLN A 52 1.21 6.65 4.93
N LEU A 53 1.32 6.09 3.73
CA LEU A 53 2.49 5.29 3.36
C LEU A 53 3.74 6.17 3.28
N VAL A 54 4.41 6.36 4.42
CA VAL A 54 5.61 7.17 4.47
C VAL A 54 6.85 6.33 4.19
N GLY A 55 6.77 5.04 4.50
CA GLY A 55 7.89 4.15 4.28
C GLY A 55 8.46 4.26 2.87
N THR A 56 9.65 3.72 2.67
CA THR A 56 10.30 3.76 1.37
C THR A 56 9.65 2.80 0.39
N ASP A 57 8.48 3.17 -0.13
CA ASP A 57 7.76 2.34 -1.07
C ASP A 57 8.36 2.47 -2.47
N SER A 58 9.52 1.86 -2.68
CA SER A 58 10.19 1.91 -3.97
C SER A 58 9.43 1.08 -5.01
N SER A 59 8.43 1.70 -5.63
CA SER A 59 7.62 1.04 -6.64
C SER A 59 7.50 1.89 -7.90
N THR A 60 7.40 3.21 -7.70
CA THR A 60 7.29 4.13 -8.82
C THR A 60 8.58 4.17 -9.64
N ILE A 61 9.70 3.93 -8.96
CA ILE A 61 11.00 3.94 -9.63
C ILE A 61 11.06 2.90 -10.74
N THR A 62 12.22 2.78 -11.38
CA THR A 62 12.41 1.82 -12.46
C THR A 62 12.63 0.41 -11.91
N LEU A 63 11.62 -0.44 -12.06
CA LEU A 63 11.70 -1.82 -11.59
C LEU A 63 10.62 -2.69 -12.22
N GLN A 64 10.53 -3.93 -11.78
CA GLN A 64 9.54 -4.86 -12.30
C GLN A 64 8.68 -5.43 -11.18
N ALA A 65 7.79 -6.36 -11.54
CA ALA A 65 6.91 -6.99 -10.56
C ALA A 65 7.70 -7.89 -9.62
N MET A 66 8.79 -8.45 -10.11
CA MET A 66 9.64 -9.34 -9.31
C MET A 66 10.22 -8.59 -8.11
N GLU A 67 10.37 -7.27 -8.26
CA GLU A 67 10.92 -6.44 -7.19
C GLU A 67 10.07 -6.55 -5.92
N CYS A 68 10.36 -5.70 -4.95
CA CYS A 68 9.63 -5.69 -3.69
C CYS A 68 9.28 -4.27 -3.27
N ARG A 69 8.06 -4.10 -2.76
CA ARG A 69 7.60 -2.78 -2.32
C ARG A 69 7.26 -2.80 -0.83
N SER A 70 7.89 -1.90 -0.08
CA SER A 70 7.66 -1.82 1.36
C SER A 70 6.92 -0.52 1.71
N VAL A 71 5.77 -0.67 2.35
CA VAL A 71 4.96 0.48 2.75
C VAL A 71 4.83 0.56 4.26
N VAL A 72 5.36 1.63 4.85
CA VAL A 72 5.29 1.83 6.29
C VAL A 72 4.50 3.08 6.64
N ILE A 73 3.56 2.94 7.58
CA ILE A 73 2.73 4.05 8.01
C ILE A 73 2.87 4.29 9.51
N ASN A 74 2.92 5.56 9.89
CA ASN A 74 3.04 5.93 11.30
C ASN A 74 1.91 6.84 11.72
N PHE A 75 1.15 6.41 12.73
CA PHE A 75 0.03 7.19 13.23
C PHE A 75 0.27 7.63 14.67
N CYS A 76 0.04 8.91 14.94
CA CYS A 76 0.24 9.46 16.28
C CYS A 76 -0.62 10.71 16.49
N PRO A 77 -1.94 10.51 16.48
CA PRO A 77 -2.91 11.60 16.66
C PRO A 77 -2.90 12.15 18.09
N THR A 78 -3.06 13.47 18.21
CA THR A 78 -3.07 14.10 19.52
C THR A 78 -4.49 14.35 20.00
N VAL A 79 -5.39 14.61 19.07
CA VAL A 79 -6.79 14.87 19.40
C VAL A 79 -7.73 14.13 18.43
N CYS A 80 -8.93 13.84 18.90
CA CYS A 80 -9.92 13.14 18.08
C CYS A 80 -10.06 13.81 16.72
N GLY A 81 -9.54 13.14 15.68
CA GLY A 81 -9.62 13.69 14.34
C GLY A 81 -10.47 12.84 13.42
N ALA A 82 -10.77 13.36 12.24
CA ALA A 82 -11.58 12.64 11.26
C ALA A 82 -10.94 12.68 9.87
N ALA A 83 -9.62 12.57 9.83
CA ALA A 83 -8.89 12.59 8.57
C ALA A 83 -8.51 11.19 8.13
N ILE A 84 -8.91 10.83 6.91
CA ILE A 84 -8.60 9.51 6.37
C ILE A 84 -8.11 9.60 4.93
N GLY A 85 -7.22 8.69 4.55
CA GLY A 85 -6.69 8.69 3.20
C GLY A 85 -6.64 7.29 2.61
N ALA A 86 -5.71 7.08 1.68
CA ALA A 86 -5.57 5.78 1.03
C ALA A 86 -4.42 5.80 0.03
N LEU A 87 -4.17 4.65 -0.60
CA LEU A 87 -3.09 4.53 -1.57
C LEU A 87 -3.66 4.39 -2.98
N SER A 88 -3.08 5.13 -3.92
CA SER A 88 -3.52 5.08 -5.32
C SER A 88 -2.63 4.18 -6.14
N PHE A 89 -3.23 3.47 -7.10
CA PHE A 89 -2.49 2.56 -7.96
C PHE A 89 -2.62 2.97 -9.43
N TYR A 90 -1.61 2.65 -10.22
CA TYR A 90 -1.60 2.97 -11.64
C TYR A 90 -1.58 1.71 -12.49
N ALA A 91 -2.17 1.80 -13.68
CA ALA A 91 -2.21 0.67 -14.60
C ALA A 91 -0.84 0.42 -15.22
N PRO A 92 -0.61 -0.83 -15.66
CA PRO A 92 0.66 -1.23 -16.28
C PRO A 92 0.85 -0.60 -17.66
N PRO A 93 2.08 -0.70 -18.19
CA PRO A 93 2.42 -0.15 -19.50
C PRO A 93 1.76 -0.93 -20.64
N GLY A 94 1.61 -2.23 -20.46
CA GLY A 94 0.99 -3.05 -21.48
C GLY A 94 -0.34 -3.63 -21.03
N ALA A 95 -0.41 -4.96 -20.93
CA ALA A 95 -1.63 -5.62 -20.51
C ALA A 95 -1.42 -7.14 -20.41
N HIS A 96 -1.67 -7.68 -19.23
CA HIS A 96 -1.50 -9.12 -19.00
C HIS A 96 -1.96 -9.50 -17.59
N ASN A 97 -2.87 -10.48 -17.52
CA ASN A 97 -3.38 -10.94 -16.24
C ASN A 97 -3.91 -9.76 -15.41
N SER A 98 -4.75 -8.94 -16.03
CA SER A 98 -5.32 -7.78 -15.36
C SER A 98 -6.36 -7.10 -16.23
N ASN A 99 -7.58 -7.01 -15.73
CA ASN A 99 -8.67 -6.38 -16.48
C ASN A 99 -9.51 -5.50 -15.56
N GLN A 100 -8.86 -4.85 -14.60
CA GLN A 100 -9.55 -3.97 -13.66
C GLN A 100 -8.55 -3.24 -12.78
N PRO A 101 -7.76 -2.33 -13.38
CA PRO A 101 -6.76 -1.54 -12.67
C PRO A 101 -7.38 -0.51 -11.74
N GLY A 102 -6.54 0.34 -11.17
CA GLY A 102 -7.04 1.37 -10.25
C GLY A 102 -7.50 0.79 -8.93
N LEU A 103 -6.63 0.03 -8.29
CA LEU A 103 -6.95 -0.59 -7.01
C LEU A 103 -6.72 0.40 -5.85
N GLU A 104 -7.56 0.32 -4.83
CA GLU A 104 -7.44 1.20 -3.68
C GLU A 104 -7.41 0.39 -2.38
N ILE A 105 -6.41 0.65 -1.56
CA ILE A 105 -6.26 -0.06 -0.29
C ILE A 105 -6.92 0.72 0.85
N PRO A 106 -7.82 0.04 1.57
CA PRO A 106 -8.54 0.65 2.71
C PRO A 106 -7.63 0.92 3.89
N LEU A 107 -7.33 2.20 4.12
CA LEU A 107 -6.47 2.59 5.24
C LEU A 107 -7.18 3.57 6.16
N TYR A 108 -7.72 3.04 7.25
CA TYR A 108 -8.44 3.86 8.22
C TYR A 108 -7.50 4.36 9.31
N GLY A 109 -7.55 5.67 9.58
CA GLY A 109 -6.70 6.24 10.60
C GLY A 109 -7.39 7.34 11.38
N TYR A 110 -7.81 7.03 12.60
CA TYR A 110 -8.49 8.00 13.45
C TYR A 110 -7.79 8.15 14.80
N GLY A 111 -8.32 9.03 15.64
CA GLY A 111 -7.73 9.24 16.95
C GLY A 111 -8.67 8.86 18.08
N GLY A 112 -8.13 8.23 19.12
CA GLY A 112 -8.93 7.81 20.25
C GLY A 112 -9.55 8.99 20.97
N SER A 113 -9.93 8.78 22.23
CA SER A 113 -10.54 9.82 23.04
C SER A 113 -9.69 10.12 24.27
N PRO A 2 -11.22 -29.65 -15.21
CA PRO A 2 -10.69 -29.62 -13.84
C PRO A 2 -9.17 -29.52 -13.82
N MET A 3 -8.66 -28.31 -13.98
CA MET A 3 -7.22 -28.07 -13.96
C MET A 3 -6.82 -27.18 -12.78
N GLY A 4 -7.63 -26.17 -12.51
CA GLY A 4 -7.34 -25.26 -11.41
C GLY A 4 -6.22 -24.31 -11.73
N LEU A 5 -6.13 -23.23 -10.96
CA LEU A 5 -5.10 -22.22 -11.16
C LEU A 5 -4.27 -22.02 -9.89
N LEU A 6 -3.04 -21.57 -10.06
CA LEU A 6 -2.14 -21.34 -8.92
C LEU A 6 -1.79 -19.86 -8.81
N PRO A 7 -2.77 -19.04 -8.42
CA PRO A 7 -2.59 -17.59 -8.26
C PRO A 7 -1.70 -17.26 -7.07
N LEU A 8 -1.35 -15.98 -6.94
CA LEU A 8 -0.50 -15.52 -5.84
C LEU A 8 -1.29 -14.65 -4.86
N LYS A 9 -0.86 -14.65 -3.60
CA LYS A 9 -1.52 -13.86 -2.58
C LYS A 9 -0.60 -12.77 -2.04
N VAL A 10 -1.19 -11.66 -1.61
CA VAL A 10 -0.42 -10.54 -1.08
C VAL A 10 -0.85 -10.20 0.34
N THR A 11 -0.09 -9.33 1.00
CA THR A 11 -0.40 -8.92 2.36
C THR A 11 -0.63 -7.41 2.44
N HIS A 12 -0.04 -6.67 1.50
CA HIS A 12 -0.19 -5.23 1.46
C HIS A 12 -1.55 -4.83 0.89
N THR A 13 -2.23 -5.80 0.28
CA THR A 13 -3.55 -5.55 -0.31
C THR A 13 -4.42 -4.72 0.62
N THR A 14 -4.27 -4.96 1.93
CA THR A 14 -5.05 -4.24 2.92
C THR A 14 -4.26 -4.05 4.21
N LEU A 15 -4.44 -2.90 4.84
CA LEU A 15 -3.74 -2.58 6.09
C LEU A 15 -4.69 -2.68 7.28
N CYS A 16 -4.19 -3.27 8.36
CA CYS A 16 -4.99 -3.43 9.57
C CYS A 16 -4.35 -2.68 10.74
N TRP A 17 -5.16 -1.86 11.42
CA TRP A 17 -4.68 -1.09 12.55
C TRP A 17 -5.38 -1.51 13.84
N GLY A 18 -4.63 -1.49 14.94
CA GLY A 18 -5.20 -1.89 16.22
C GLY A 18 -5.77 -0.70 16.98
N SER A 19 -6.20 -0.95 18.22
CA SER A 19 -6.77 0.10 19.05
C SER A 19 -5.72 1.14 19.41
N THR A 20 -5.98 2.39 19.00
CA THR A 20 -5.05 3.48 19.27
C THR A 20 -5.70 4.52 20.18
N LYS A 21 -4.93 4.99 21.17
CA LYS A 21 -5.42 5.99 22.11
C LYS A 21 -4.85 7.37 21.78
N LEU A 22 -5.58 8.41 22.15
CA LEU A 22 -5.15 9.78 21.91
C LEU A 22 -3.83 10.07 22.63
N ARG A 23 -3.08 11.03 22.10
CA ARG A 23 -1.80 11.41 22.69
C ARG A 23 -0.80 10.26 22.62
N THR A 24 -1.12 9.26 21.80
CA THR A 24 -0.25 8.11 21.63
C THR A 24 0.29 8.02 20.21
N ASP A 25 1.37 7.26 20.04
CA ASP A 25 1.99 7.09 18.73
C ASP A 25 2.03 5.62 18.33
N VAL A 26 1.66 5.35 17.09
CA VAL A 26 1.66 3.97 16.58
C VAL A 26 2.44 3.87 15.28
N ARG A 27 3.27 2.84 15.17
CA ARG A 27 4.08 2.62 13.97
C ARG A 27 3.76 1.27 13.34
N LYS A 28 3.40 1.30 12.06
CA LYS A 28 3.07 0.08 11.34
C LYS A 28 3.86 -0.01 10.03
N SER A 29 4.20 -1.24 9.64
CA SER A 29 4.97 -1.46 8.42
C SER A 29 4.40 -2.64 7.63
N MET A 30 4.53 -2.58 6.31
CA MET A 30 4.04 -3.65 5.45
C MET A 30 4.94 -3.83 4.23
N GLN A 31 4.95 -5.04 3.68
CA GLN A 31 5.78 -5.33 2.51
C GLN A 31 5.00 -6.19 1.51
N VAL A 32 5.36 -6.08 0.24
CA VAL A 32 4.71 -6.84 -0.82
C VAL A 32 5.71 -7.71 -1.56
N LYS A 33 5.30 -8.94 -1.88
CA LYS A 33 6.17 -9.86 -2.60
C LYS A 33 5.51 -10.31 -3.90
N ASN A 34 6.31 -10.35 -4.97
CA ASN A 34 5.80 -10.76 -6.27
C ASN A 34 6.95 -11.11 -7.22
N THR A 35 6.75 -12.11 -8.06
CA THR A 35 7.76 -12.56 -9.00
C THR A 35 7.24 -12.48 -10.44
N ALA A 36 7.79 -11.54 -11.21
CA ALA A 36 7.40 -11.37 -12.60
C ALA A 36 8.53 -11.74 -13.54
N ASP A 37 8.17 -12.22 -14.73
CA ASP A 37 9.15 -12.61 -15.72
C ASP A 37 9.19 -11.62 -16.88
N LYS A 38 8.37 -10.58 -16.79
CA LYS A 38 8.30 -9.56 -17.81
C LYS A 38 8.84 -8.23 -17.30
N ARG A 39 9.20 -7.34 -18.23
CA ARG A 39 9.74 -6.04 -17.86
C ARG A 39 8.65 -4.96 -17.94
N LEU A 40 7.89 -4.82 -16.86
CA LEU A 40 6.82 -3.83 -16.81
C LEU A 40 7.13 -2.76 -15.78
N VAL A 41 6.82 -1.51 -16.12
CA VAL A 41 7.06 -0.38 -15.23
C VAL A 41 5.78 0.04 -14.52
N ILE A 42 5.84 0.12 -13.20
CA ILE A 42 4.68 0.52 -12.41
C ILE A 42 4.93 1.83 -11.67
N ARG A 43 3.87 2.57 -11.41
CA ARG A 43 3.99 3.85 -10.72
C ARG A 43 3.01 3.93 -9.54
N LEU A 44 3.55 4.12 -8.35
CA LEU A 44 2.73 4.21 -7.14
C LEU A 44 2.99 5.51 -6.39
N GLY A 45 1.92 6.21 -6.03
CA GLY A 45 2.05 7.46 -5.30
C GLY A 45 1.05 7.59 -4.18
N ILE A 46 1.43 8.34 -3.15
CA ILE A 46 0.55 8.54 -2.00
C ILE A 46 0.51 10.01 -1.59
N GLN A 47 -0.58 10.42 -0.96
CA GLN A 47 -0.74 11.79 -0.52
C GLN A 47 -1.00 11.86 0.99
N GLY A 48 -0.39 12.82 1.65
CA GLY A 48 -0.56 12.98 3.08
C GLY A 48 0.76 13.04 3.83
N PRO A 49 1.26 14.25 4.05
CA PRO A 49 2.53 14.48 4.75
C PRO A 49 2.43 14.14 6.24
N GLY A 50 3.13 13.09 6.66
CA GLY A 50 3.10 12.68 8.05
C GLY A 50 2.47 11.32 8.24
N PHE A 51 1.33 11.09 7.59
CA PHE A 51 0.63 9.82 7.70
C PHE A 51 0.66 9.07 6.37
N GLN A 52 0.03 7.90 6.35
CA GLN A 52 -0.01 7.07 5.14
C GLN A 52 1.37 6.54 4.81
N LEU A 53 1.49 5.87 3.67
CA LEU A 53 2.76 5.31 3.22
C LEU A 53 3.85 6.37 3.21
N VAL A 54 4.68 6.37 4.25
CA VAL A 54 5.78 7.33 4.35
C VAL A 54 7.13 6.63 4.32
N GLY A 55 7.22 5.48 4.98
CA GLY A 55 8.46 4.74 5.01
C GLY A 55 9.15 4.72 3.67
N THR A 56 8.73 3.81 2.79
CA THR A 56 9.33 3.70 1.46
C THR A 56 8.26 3.51 0.40
N ASP A 57 8.66 3.60 -0.86
CA ASP A 57 7.73 3.44 -1.98
C ASP A 57 8.48 3.34 -3.30
N SER A 58 9.50 2.49 -3.33
CA SER A 58 10.31 2.30 -4.53
C SER A 58 9.56 1.46 -5.55
N SER A 59 8.59 2.08 -6.22
CA SER A 59 7.80 1.39 -7.23
C SER A 59 7.80 2.16 -8.55
N THR A 60 7.73 3.48 -8.45
CA THR A 60 7.71 4.33 -9.64
C THR A 60 9.07 4.28 -10.36
N ILE A 61 10.13 4.06 -9.60
CA ILE A 61 11.47 3.99 -10.17
C ILE A 61 11.56 2.90 -11.23
N THR A 62 12.71 2.79 -11.88
CA THR A 62 12.92 1.80 -12.91
C THR A 62 13.05 0.39 -12.31
N LEU A 63 11.97 -0.37 -12.38
CA LEU A 63 11.96 -1.72 -11.86
C LEU A 63 10.85 -2.55 -12.50
N GLN A 64 10.68 -3.78 -12.01
CA GLN A 64 9.65 -4.67 -12.53
C GLN A 64 8.78 -5.23 -11.42
N ALA A 65 7.71 -5.91 -11.79
CA ALA A 65 6.79 -6.49 -10.81
C ALA A 65 7.55 -7.37 -9.81
N MET A 66 8.67 -7.92 -10.24
CA MET A 66 9.49 -8.77 -9.39
C MET A 66 10.01 -7.99 -8.19
N GLU A 67 10.22 -6.70 -8.37
CA GLU A 67 10.73 -5.83 -7.30
C GLU A 67 9.82 -5.91 -6.08
N CYS A 68 10.19 -5.19 -5.03
CA CYS A 68 9.42 -5.17 -3.80
C CYS A 68 9.29 -3.74 -3.25
N ARG A 69 8.12 -3.41 -2.75
CA ARG A 69 7.87 -2.08 -2.21
C ARG A 69 7.44 -2.16 -0.75
N SER A 70 8.14 -1.44 0.12
CA SER A 70 7.84 -1.43 1.54
C SER A 70 7.09 -0.16 1.94
N VAL A 71 5.91 -0.34 2.52
CA VAL A 71 5.08 0.78 2.95
C VAL A 71 4.97 0.84 4.47
N VAL A 72 5.49 1.90 5.06
CA VAL A 72 5.45 2.07 6.51
C VAL A 72 4.65 3.31 6.89
N ILE A 73 3.59 3.11 7.69
CA ILE A 73 2.75 4.21 8.12
C ILE A 73 2.78 4.36 9.64
N ASN A 74 2.81 5.60 10.11
CA ASN A 74 2.84 5.88 11.55
C ASN A 74 1.80 6.92 11.91
N PHE A 75 0.89 6.55 12.81
CA PHE A 75 -0.16 7.46 13.26
C PHE A 75 0.08 7.91 14.70
N CYS A 76 0.19 9.21 14.90
CA CYS A 76 0.42 9.77 16.23
C CYS A 76 -0.64 10.81 16.58
N PRO A 77 -1.91 10.36 16.66
CA PRO A 77 -3.04 11.22 16.99
C PRO A 77 -3.01 11.71 18.44
N THR A 78 -3.03 13.03 18.62
CA THR A 78 -2.99 13.61 19.94
C THR A 78 -4.40 13.84 20.48
N VAL A 79 -5.35 14.03 19.57
CA VAL A 79 -6.74 14.26 19.96
C VAL A 79 -7.70 13.52 19.02
N CYS A 80 -8.90 13.26 19.50
CA CYS A 80 -9.90 12.56 18.70
C CYS A 80 -10.04 13.19 17.31
N GLY A 81 -9.53 12.49 16.30
CA GLY A 81 -9.60 12.99 14.95
C GLY A 81 -10.22 12.00 13.98
N ALA A 82 -10.50 12.45 12.76
CA ALA A 82 -11.09 11.59 11.75
C ALA A 82 -10.39 11.75 10.41
N ALA A 83 -9.08 11.52 10.40
CA ALA A 83 -8.29 11.64 9.19
C ALA A 83 -8.00 10.27 8.58
N ILE A 84 -8.36 10.10 7.32
CA ILE A 84 -8.14 8.84 6.62
C ILE A 84 -7.57 9.07 5.23
N GLY A 85 -6.86 8.07 4.71
CA GLY A 85 -6.27 8.18 3.39
C GLY A 85 -6.45 6.92 2.57
N ALA A 86 -5.77 6.85 1.43
CA ALA A 86 -5.86 5.69 0.55
C ALA A 86 -4.73 5.70 -0.48
N LEU A 87 -4.35 4.51 -0.94
CA LEU A 87 -3.29 4.37 -1.92
C LEU A 87 -3.85 4.04 -3.29
N SER A 88 -3.35 4.74 -4.31
CA SER A 88 -3.80 4.53 -5.69
C SER A 88 -2.79 3.70 -6.47
N PHE A 89 -3.30 2.85 -7.35
CA PHE A 89 -2.44 2.00 -8.17
C PHE A 89 -2.54 2.37 -9.65
N TYR A 90 -1.47 2.13 -10.39
CA TYR A 90 -1.44 2.44 -11.81
C TYR A 90 -1.26 1.17 -12.64
N ALA A 91 -1.78 1.19 -13.86
CA ALA A 91 -1.68 0.05 -14.76
C ALA A 91 -0.33 0.03 -15.48
N PRO A 92 0.09 -1.16 -15.92
CA PRO A 92 1.36 -1.34 -16.62
C PRO A 92 1.35 -0.72 -18.01
N PRO A 93 2.53 -0.61 -18.63
CA PRO A 93 2.68 -0.03 -19.97
C PRO A 93 2.09 -0.93 -21.05
N GLY A 94 1.00 -0.48 -21.66
CA GLY A 94 0.37 -1.26 -22.72
C GLY A 94 -0.90 -1.95 -22.23
N ALA A 95 -0.83 -2.58 -21.07
CA ALA A 95 -1.98 -3.28 -20.50
C ALA A 95 -2.47 -4.37 -21.44
N HIS A 96 -1.56 -5.24 -21.85
CA HIS A 96 -1.90 -6.34 -22.76
C HIS A 96 -2.35 -7.57 -21.97
N ASN A 97 -1.72 -7.80 -20.81
CA ASN A 97 -2.05 -8.94 -19.97
C ASN A 97 -2.32 -8.49 -18.53
N SER A 98 -3.44 -7.79 -18.34
CA SER A 98 -3.82 -7.30 -17.02
C SER A 98 -5.15 -7.88 -16.58
N ASN A 99 -5.66 -7.40 -15.46
CA ASN A 99 -6.93 -7.88 -14.93
C ASN A 99 -7.81 -6.71 -14.48
N GLN A 100 -7.76 -5.62 -15.24
CA GLN A 100 -8.55 -4.44 -14.93
C GLN A 100 -8.14 -3.86 -13.58
N PRO A 101 -6.96 -3.23 -13.53
CA PRO A 101 -6.43 -2.62 -12.32
C PRO A 101 -7.22 -1.38 -11.89
N GLY A 102 -6.69 -0.65 -10.92
CA GLY A 102 -7.35 0.55 -10.45
C GLY A 102 -7.94 0.37 -9.06
N LEU A 103 -7.30 -0.45 -8.25
CA LEU A 103 -7.77 -0.70 -6.88
C LEU A 103 -6.99 0.14 -5.88
N GLU A 104 -7.64 0.47 -4.76
CA GLU A 104 -7.01 1.26 -3.72
C GLU A 104 -7.11 0.57 -2.36
N ILE A 105 -6.03 0.65 -1.59
CA ILE A 105 -6.00 0.02 -0.27
C ILE A 105 -6.63 0.94 0.79
N PRO A 106 -7.70 0.45 1.42
CA PRO A 106 -8.41 1.20 2.46
C PRO A 106 -7.59 1.34 3.73
N LEU A 107 -7.26 2.58 4.08
CA LEU A 107 -6.48 2.86 5.28
C LEU A 107 -7.24 3.76 6.24
N TYR A 108 -8.00 3.14 7.15
CA TYR A 108 -8.79 3.88 8.13
C TYR A 108 -7.99 4.11 9.41
N GLY A 109 -7.98 5.35 9.88
CA GLY A 109 -7.26 5.68 11.10
C GLY A 109 -7.93 6.78 11.89
N TYR A 110 -8.44 6.42 13.07
CA TYR A 110 -9.12 7.38 13.93
C TYR A 110 -8.37 7.55 15.26
N GLY A 111 -8.88 8.44 16.11
CA GLY A 111 -8.25 8.67 17.40
C GLY A 111 -9.07 8.12 18.54
N GLY A 112 -8.38 7.57 19.54
CA GLY A 112 -9.07 7.01 20.69
C GLY A 112 -9.83 8.06 21.47
N SER A 113 -10.18 7.73 22.71
CA SER A 113 -10.92 8.65 23.57
C SER A 113 -10.19 8.87 24.89
N PRO A 2 -5.76 -36.95 -6.91
CA PRO A 2 -6.04 -35.79 -7.75
C PRO A 2 -5.01 -34.67 -7.56
N MET A 3 -5.21 -33.57 -8.28
CA MET A 3 -4.31 -32.42 -8.18
C MET A 3 -5.09 -31.12 -8.13
N GLY A 4 -4.55 -30.14 -7.40
CA GLY A 4 -5.22 -28.86 -7.28
C GLY A 4 -4.47 -27.75 -8.01
N LEU A 5 -4.63 -26.52 -7.53
CA LEU A 5 -3.97 -25.37 -8.15
C LEU A 5 -3.12 -24.62 -7.12
N LEU A 6 -2.09 -23.93 -7.60
CA LEU A 6 -1.20 -23.17 -6.73
C LEU A 6 -1.29 -21.68 -7.03
N PRO A 7 -2.41 -21.05 -6.61
CA PRO A 7 -2.63 -19.63 -6.83
C PRO A 7 -1.71 -18.76 -5.98
N LEU A 8 -1.76 -17.45 -6.20
CA LEU A 8 -0.92 -16.52 -5.46
C LEU A 8 -1.78 -15.53 -4.68
N LYS A 9 -1.41 -15.30 -3.42
CA LYS A 9 -2.15 -14.37 -2.57
C LYS A 9 -1.24 -13.24 -2.11
N VAL A 10 -1.84 -12.08 -1.82
CA VAL A 10 -1.10 -10.91 -1.37
C VAL A 10 -1.61 -10.43 -0.01
N THR A 11 -0.79 -9.64 0.69
CA THR A 11 -1.15 -9.12 1.98
C THR A 11 -1.22 -7.60 1.97
N HIS A 12 -0.62 -7.00 0.95
CA HIS A 12 -0.60 -5.54 0.81
C HIS A 12 -1.96 -5.03 0.33
N THR A 13 -2.74 -5.92 -0.28
CA THR A 13 -4.06 -5.57 -0.79
C THR A 13 -4.85 -4.77 0.25
N THR A 14 -4.64 -5.08 1.52
CA THR A 14 -5.33 -4.39 2.60
C THR A 14 -4.44 -4.27 3.83
N LEU A 15 -4.52 -3.13 4.50
CA LEU A 15 -3.71 -2.90 5.70
C LEU A 15 -4.54 -3.11 6.96
N CYS A 16 -3.91 -3.61 8.00
CA CYS A 16 -4.58 -3.88 9.27
C CYS A 16 -3.98 -3.04 10.39
N TRP A 17 -4.84 -2.33 11.12
CA TRP A 17 -4.38 -1.49 12.22
C TRP A 17 -4.99 -1.94 13.54
N GLY A 18 -4.31 -1.65 14.64
CA GLY A 18 -4.81 -2.03 15.95
C GLY A 18 -5.40 -0.86 16.70
N SER A 19 -5.78 -1.09 17.96
CA SER A 19 -6.37 -0.06 18.79
C SER A 19 -5.33 1.02 19.12
N THR A 20 -5.61 2.25 18.72
CA THR A 20 -4.71 3.37 18.97
C THR A 20 -5.35 4.40 19.90
N LYS A 21 -4.57 4.88 20.86
CA LYS A 21 -5.07 5.87 21.81
C LYS A 21 -4.44 7.23 21.55
N LEU A 22 -5.13 8.28 21.97
CA LEU A 22 -4.64 9.64 21.78
C LEU A 22 -3.31 9.86 22.51
N ARG A 23 -2.49 10.76 21.99
CA ARG A 23 -1.20 11.05 22.60
C ARG A 23 -0.27 9.84 22.51
N THR A 24 -0.63 8.89 21.67
CA THR A 24 0.17 7.68 21.50
C THR A 24 0.75 7.60 20.08
N ASP A 25 1.79 6.78 19.92
CA ASP A 25 2.43 6.60 18.62
C ASP A 25 2.33 5.16 18.16
N VAL A 26 1.83 4.96 16.95
CA VAL A 26 1.68 3.63 16.38
C VAL A 26 2.36 3.53 15.01
N ARG A 27 3.10 2.45 14.81
CA ARG A 27 3.80 2.24 13.54
C ARG A 27 3.39 0.90 12.92
N LYS A 28 3.15 0.92 11.62
CA LYS A 28 2.75 -0.29 10.89
C LYS A 28 3.53 -0.42 9.59
N SER A 29 3.85 -1.66 9.22
CA SER A 29 4.60 -1.92 7.99
C SER A 29 4.06 -3.16 7.28
N MET A 30 4.04 -3.11 5.96
CA MET A 30 3.55 -4.23 5.16
C MET A 30 4.39 -4.42 3.90
N GLN A 31 4.43 -5.64 3.39
CA GLN A 31 5.20 -5.96 2.19
C GLN A 31 4.41 -6.87 1.26
N VAL A 32 4.69 -6.76 -0.04
CA VAL A 32 4.01 -7.58 -1.03
C VAL A 32 5.01 -8.41 -1.84
N LYS A 33 4.59 -9.61 -2.24
CA LYS A 33 5.45 -10.49 -3.03
C LYS A 33 4.71 -11.03 -4.24
N ASN A 34 5.38 -11.01 -5.39
CA ASN A 34 4.79 -11.50 -6.63
C ASN A 34 5.83 -11.58 -7.75
N THR A 35 6.02 -12.77 -8.27
CA THR A 35 7.00 -12.99 -9.34
C THR A 35 6.39 -12.65 -10.70
N ALA A 36 7.07 -11.77 -11.44
CA ALA A 36 6.60 -11.37 -12.77
C ALA A 36 7.49 -11.95 -13.86
N ASP A 37 6.89 -12.25 -15.01
CA ASP A 37 7.63 -12.80 -16.14
C ASP A 37 7.79 -11.77 -17.25
N LYS A 38 7.27 -10.57 -17.00
CA LYS A 38 7.35 -9.49 -17.98
C LYS A 38 8.04 -8.27 -17.39
N ARG A 39 8.53 -7.38 -18.26
CA ARG A 39 9.20 -6.17 -17.82
C ARG A 39 8.28 -4.96 -17.93
N LEU A 40 7.55 -4.67 -16.85
CA LEU A 40 6.64 -3.54 -16.83
C LEU A 40 7.08 -2.50 -15.82
N VAL A 41 6.95 -1.22 -16.19
CA VAL A 41 7.34 -0.13 -15.31
C VAL A 41 6.12 0.48 -14.62
N ILE A 42 6.13 0.47 -13.30
CA ILE A 42 5.03 1.02 -12.52
C ILE A 42 5.49 2.21 -11.69
N ARG A 43 4.55 3.10 -11.37
CA ARG A 43 4.86 4.30 -10.58
C ARG A 43 3.93 4.39 -9.38
N LEU A 44 4.52 4.48 -8.19
CA LEU A 44 3.76 4.58 -6.96
C LEU A 44 4.12 5.85 -6.19
N GLY A 45 3.11 6.54 -5.68
CA GLY A 45 3.34 7.75 -4.92
C GLY A 45 2.62 7.77 -3.60
N ILE A 46 3.12 8.56 -2.66
CA ILE A 46 2.51 8.66 -1.34
C ILE A 46 2.05 10.09 -1.05
N GLN A 47 0.82 10.22 -0.57
CA GLN A 47 0.26 11.52 -0.25
C GLN A 47 -0.66 11.45 0.96
N GLY A 48 -0.54 12.42 1.86
CA GLY A 48 -1.37 12.44 3.05
C GLY A 48 -0.99 13.57 4.00
N PRO A 49 -1.74 13.69 5.10
CA PRO A 49 -1.50 14.73 6.10
C PRO A 49 -0.21 14.50 6.89
N GLY A 50 0.90 14.37 6.17
CA GLY A 50 2.17 14.14 6.82
C GLY A 50 2.45 12.67 7.04
N PHE A 51 1.43 11.92 7.42
CA PHE A 51 1.57 10.49 7.66
C PHE A 51 0.83 9.68 6.59
N GLN A 52 1.46 8.60 6.13
CA GLN A 52 0.87 7.75 5.11
C GLN A 52 1.82 6.61 4.74
N LEU A 53 1.59 6.03 3.57
CA LEU A 53 2.42 4.92 3.10
C LEU A 53 3.84 5.39 2.80
N VAL A 54 4.64 5.59 3.85
CA VAL A 54 6.02 6.03 3.70
C VAL A 54 7.00 4.89 3.93
N GLY A 55 8.22 5.06 3.46
CA GLY A 55 9.24 4.04 3.63
C GLY A 55 9.99 3.73 2.34
N THR A 56 10.78 2.67 2.37
CA THR A 56 11.55 2.27 1.20
C THR A 56 10.67 1.57 0.17
N ASP A 57 9.65 2.27 -0.30
CA ASP A 57 8.73 1.71 -1.29
C ASP A 57 9.21 2.02 -2.71
N SER A 58 10.43 1.59 -3.02
CA SER A 58 11.01 1.82 -4.34
C SER A 58 10.10 1.27 -5.43
N SER A 59 9.32 2.16 -6.05
CA SER A 59 8.41 1.75 -7.12
C SER A 59 8.27 2.86 -8.16
N THR A 60 8.18 4.10 -7.69
CA THR A 60 8.06 5.24 -8.59
C THR A 60 9.10 5.20 -9.70
N ILE A 61 10.26 4.65 -9.39
CA ILE A 61 11.34 4.54 -10.37
C ILE A 61 11.22 3.25 -11.18
N THR A 62 12.12 3.07 -12.14
CA THR A 62 12.11 1.89 -12.98
C THR A 62 12.06 0.62 -12.14
N LEU A 63 10.88 0.02 -12.07
CA LEU A 63 10.70 -1.21 -11.30
C LEU A 63 9.78 -2.18 -12.03
N GLN A 64 9.38 -3.25 -11.34
CA GLN A 64 8.50 -4.25 -11.93
C GLN A 64 7.70 -4.97 -10.85
N ALA A 65 6.92 -5.97 -11.26
CA ALA A 65 6.11 -6.74 -10.33
C ALA A 65 6.97 -7.71 -9.53
N MET A 66 8.05 -8.19 -10.14
CA MET A 66 8.95 -9.13 -9.48
C MET A 66 9.60 -8.48 -8.26
N GLU A 67 9.79 -7.17 -8.32
CA GLU A 67 10.40 -6.44 -7.21
C GLU A 67 9.56 -6.55 -5.94
N CYS A 68 9.87 -5.73 -4.95
CA CYS A 68 9.14 -5.74 -3.69
C CYS A 68 8.83 -4.32 -3.23
N ARG A 69 7.62 -4.12 -2.71
CA ARG A 69 7.20 -2.81 -2.23
C ARG A 69 6.86 -2.86 -0.75
N SER A 70 7.50 -1.99 0.03
CA SER A 70 7.27 -1.93 1.47
C SER A 70 6.46 -0.69 1.84
N VAL A 71 5.33 -0.91 2.51
CA VAL A 71 4.46 0.18 2.92
C VAL A 71 4.47 0.35 4.44
N VAL A 72 5.02 1.46 4.91
CA VAL A 72 5.09 1.74 6.33
C VAL A 72 4.35 3.02 6.68
N ILE A 73 3.37 2.92 7.57
CA ILE A 73 2.59 4.08 7.99
C ILE A 73 2.73 4.32 9.49
N ASN A 74 2.82 5.59 9.87
CA ASN A 74 2.95 5.95 11.28
C ASN A 74 1.81 6.87 11.71
N PHE A 75 1.05 6.43 12.70
CA PHE A 75 -0.07 7.22 13.21
C PHE A 75 0.21 7.73 14.62
N CYS A 76 -0.03 9.02 14.84
CA CYS A 76 0.20 9.63 16.14
C CYS A 76 -0.72 10.82 16.34
N PRO A 77 -2.04 10.56 16.38
CA PRO A 77 -3.05 11.60 16.57
C PRO A 77 -3.03 12.18 17.98
N THR A 78 -3.57 13.39 18.14
CA THR A 78 -3.61 14.05 19.43
C THR A 78 -5.02 14.04 20.00
N VAL A 79 -6.01 14.12 19.12
CA VAL A 79 -7.41 14.12 19.54
C VAL A 79 -8.26 13.27 18.61
N CYS A 80 -9.35 12.74 19.14
CA CYS A 80 -10.26 11.90 18.35
C CYS A 80 -10.67 12.61 17.06
N GLY A 81 -10.29 12.02 15.93
CA GLY A 81 -10.62 12.61 14.64
C GLY A 81 -10.96 11.57 13.59
N ALA A 82 -11.47 12.02 12.45
CA ALA A 82 -11.83 11.12 11.37
C ALA A 82 -11.00 11.38 10.13
N ALA A 83 -9.74 10.95 10.17
CA ALA A 83 -8.83 11.14 9.05
C ALA A 83 -8.31 9.81 8.53
N ILE A 84 -8.48 9.58 7.23
CA ILE A 84 -8.02 8.33 6.62
C ILE A 84 -7.31 8.60 5.30
N GLY A 85 -6.42 7.68 4.91
CA GLY A 85 -5.69 7.84 3.67
C GLY A 85 -5.92 6.69 2.70
N ALA A 86 -5.02 6.54 1.75
CA ALA A 86 -5.13 5.47 0.76
C ALA A 86 -3.91 5.44 -0.15
N LEU A 87 -3.81 4.39 -0.96
CA LEU A 87 -2.69 4.24 -1.89
C LEU A 87 -3.16 4.28 -3.33
N SER A 88 -2.40 4.95 -4.18
CA SER A 88 -2.73 5.08 -5.59
C SER A 88 -1.74 4.32 -6.47
N PHE A 89 -2.24 3.72 -7.54
CA PHE A 89 -1.40 2.97 -8.45
C PHE A 89 -1.38 3.60 -9.84
N TYR A 90 -0.29 3.39 -10.56
CA TYR A 90 -0.14 3.96 -11.90
C TYR A 90 -0.02 2.85 -12.95
N ALA A 91 -0.48 3.14 -14.16
CA ALA A 91 -0.42 2.17 -15.25
C ALA A 91 0.93 2.21 -15.95
N PRO A 92 1.30 1.10 -16.60
CA PRO A 92 2.57 0.97 -17.32
C PRO A 92 2.61 1.84 -18.58
N PRO A 93 3.81 1.99 -19.16
CA PRO A 93 4.00 2.78 -20.38
C PRO A 93 3.38 2.12 -21.60
N GLY A 94 3.29 2.88 -22.69
CA GLY A 94 2.71 2.36 -23.92
C GLY A 94 1.20 2.19 -23.82
N ALA A 95 0.75 0.94 -23.80
CA ALA A 95 -0.68 0.65 -23.70
C ALA A 95 -1.05 0.18 -22.30
N HIS A 96 -2.13 0.76 -21.76
CA HIS A 96 -2.59 0.40 -20.42
C HIS A 96 -3.99 -0.20 -20.47
N ASN A 97 -4.20 -1.14 -21.39
CA ASN A 97 -5.49 -1.79 -21.54
C ASN A 97 -5.60 -3.01 -20.63
N SER A 98 -5.31 -2.80 -19.34
CA SER A 98 -5.38 -3.87 -18.36
C SER A 98 -6.82 -4.11 -17.91
N ASN A 99 -6.99 -5.01 -16.95
CA ASN A 99 -8.31 -5.33 -16.44
C ASN A 99 -8.69 -4.39 -15.30
N GLN A 100 -9.14 -3.19 -15.66
CA GLN A 100 -9.54 -2.18 -14.68
C GLN A 100 -8.38 -1.85 -13.74
N PRO A 101 -7.38 -1.15 -14.28
CA PRO A 101 -6.19 -0.75 -13.52
C PRO A 101 -6.51 0.33 -12.48
N GLY A 102 -5.47 0.89 -11.87
CA GLY A 102 -5.66 1.92 -10.88
C GLY A 102 -6.32 1.39 -9.62
N LEU A 103 -5.70 0.39 -8.99
CA LEU A 103 -6.24 -0.20 -7.77
C LEU A 103 -5.93 0.67 -6.56
N GLU A 104 -6.86 0.71 -5.62
CA GLU A 104 -6.68 1.51 -4.40
C GLU A 104 -6.91 0.65 -3.16
N ILE A 105 -5.95 0.70 -2.23
CA ILE A 105 -6.04 -0.06 -1.00
C ILE A 105 -6.70 0.75 0.11
N PRO A 106 -7.78 0.20 0.70
CA PRO A 106 -8.51 0.86 1.77
C PRO A 106 -7.72 0.92 3.07
N LEU A 107 -7.37 2.13 3.49
CA LEU A 107 -6.61 2.32 4.72
C LEU A 107 -7.44 3.04 5.78
N TYR A 108 -8.04 2.27 6.68
CA TYR A 108 -8.85 2.84 7.74
C TYR A 108 -8.02 3.12 8.99
N GLY A 109 -8.16 4.33 9.53
CA GLY A 109 -7.43 4.71 10.71
C GLY A 109 -8.02 5.91 11.42
N TYR A 110 -8.14 5.82 12.73
CA TYR A 110 -8.71 6.92 13.52
C TYR A 110 -7.96 7.08 14.84
N GLY A 111 -8.41 8.04 15.65
CA GLY A 111 -7.77 8.28 16.94
C GLY A 111 -8.61 7.79 18.10
N GLY A 112 -7.96 7.42 19.19
CA GLY A 112 -8.67 6.94 20.36
C GLY A 112 -9.61 7.98 20.93
N SER A 113 -10.16 7.69 22.11
CA SER A 113 -11.08 8.60 22.76
C SER A 113 -10.88 8.58 24.28
N PRO A 2 -2.53 -34.20 -4.77
CA PRO A 2 -1.80 -32.93 -4.61
C PRO A 2 -1.48 -32.28 -5.96
N MET A 3 -2.37 -31.39 -6.40
CA MET A 3 -2.18 -30.69 -7.67
C MET A 3 -3.06 -29.44 -7.73
N GLY A 4 -3.04 -28.77 -8.88
CA GLY A 4 -3.84 -27.57 -9.05
C GLY A 4 -3.06 -26.46 -9.74
N LEU A 5 -3.36 -25.22 -9.38
CA LEU A 5 -2.69 -24.07 -9.97
C LEU A 5 -1.79 -23.38 -8.96
N LEU A 6 -2.17 -23.45 -7.69
CA LEU A 6 -1.39 -22.84 -6.62
C LEU A 6 -1.21 -21.34 -6.86
N PRO A 7 -2.32 -20.59 -6.73
CA PRO A 7 -2.32 -19.14 -6.93
C PRO A 7 -1.58 -18.41 -5.81
N LEU A 8 -1.46 -17.09 -5.96
CA LEU A 8 -0.78 -16.27 -4.96
C LEU A 8 -1.67 -15.14 -4.47
N LYS A 9 -1.58 -14.83 -3.19
CA LYS A 9 -2.38 -13.76 -2.60
C LYS A 9 -1.49 -12.62 -2.11
N VAL A 10 -2.05 -11.42 -2.07
CA VAL A 10 -1.31 -10.24 -1.62
C VAL A 10 -1.79 -9.78 -0.25
N THR A 11 -0.94 -9.04 0.45
CA THR A 11 -1.27 -8.53 1.78
C THR A 11 -1.30 -7.00 1.79
N HIS A 12 -0.65 -6.40 0.81
CA HIS A 12 -0.59 -4.94 0.71
C HIS A 12 -1.91 -4.38 0.20
N THR A 13 -2.61 -5.17 -0.60
CA THR A 13 -3.89 -4.76 -1.17
C THR A 13 -4.77 -4.10 -0.11
N THR A 14 -4.66 -4.58 1.13
CA THR A 14 -5.45 -4.04 2.23
C THR A 14 -4.66 -4.08 3.54
N LEU A 15 -4.80 -3.02 4.33
CA LEU A 15 -4.10 -2.93 5.60
C LEU A 15 -5.09 -2.89 6.77
N CYS A 16 -4.71 -3.50 7.88
CA CYS A 16 -5.57 -3.54 9.06
C CYS A 16 -4.89 -2.86 10.24
N TRP A 17 -5.64 -2.03 10.96
CA TRP A 17 -5.12 -1.31 12.11
C TRP A 17 -5.86 -1.70 13.38
N GLY A 18 -5.20 -1.57 14.52
CA GLY A 18 -5.81 -1.91 15.78
C GLY A 18 -6.29 -0.69 16.55
N SER A 19 -6.79 -0.90 17.76
CA SER A 19 -7.28 0.19 18.58
C SER A 19 -6.15 1.11 19.02
N THR A 20 -6.24 2.38 18.63
CA THR A 20 -5.22 3.36 18.98
C THR A 20 -5.77 4.40 19.95
N LYS A 21 -4.96 4.73 20.96
CA LYS A 21 -5.36 5.71 21.96
C LYS A 21 -4.59 7.01 21.80
N LEU A 22 -5.16 8.11 22.29
CA LEU A 22 -4.52 9.41 22.19
C LEU A 22 -3.19 9.42 22.95
N ARG A 23 -2.26 10.26 22.50
CA ARG A 23 -0.96 10.36 23.15
C ARG A 23 -0.18 9.07 23.02
N THR A 24 -0.59 8.22 22.08
CA THR A 24 0.07 6.94 21.86
C THR A 24 0.75 6.89 20.50
N ASP A 25 1.69 5.96 20.34
CA ASP A 25 2.41 5.82 19.07
C ASP A 25 2.28 4.40 18.54
N VAL A 26 1.85 4.28 17.29
CA VAL A 26 1.68 2.98 16.66
C VAL A 26 2.47 2.89 15.35
N ARG A 27 3.18 1.78 15.17
CA ARG A 27 3.98 1.57 13.97
C ARG A 27 3.55 0.30 13.24
N LYS A 28 3.22 0.44 11.97
CA LYS A 28 2.79 -0.71 11.16
C LYS A 28 3.60 -0.78 9.87
N SER A 29 3.83 -2.00 9.40
CA SER A 29 4.59 -2.21 8.16
C SER A 29 3.95 -3.30 7.31
N MET A 30 4.08 -3.18 6.00
CA MET A 30 3.52 -4.15 5.08
C MET A 30 4.39 -4.30 3.83
N GLN A 31 4.33 -5.47 3.21
CA GLN A 31 5.13 -5.74 2.01
C GLN A 31 4.30 -6.48 0.97
N VAL A 32 4.63 -6.26 -0.31
CA VAL A 32 3.92 -6.91 -1.40
C VAL A 32 4.87 -7.74 -2.26
N LYS A 33 4.42 -8.93 -2.65
CA LYS A 33 5.24 -9.82 -3.48
C LYS A 33 4.42 -10.35 -4.65
N ASN A 34 5.01 -10.31 -5.84
CA ASN A 34 4.34 -10.78 -7.05
C ASN A 34 5.35 -11.06 -8.15
N THR A 35 5.80 -12.31 -8.24
CA THR A 35 6.77 -12.70 -9.25
C THR A 35 6.23 -12.46 -10.66
N ALA A 36 6.78 -11.47 -11.34
CA ALA A 36 6.35 -11.14 -12.69
C ALA A 36 7.34 -11.67 -13.72
N ASP A 37 6.81 -12.11 -14.87
CA ASP A 37 7.65 -12.65 -15.94
C ASP A 37 7.72 -11.67 -17.11
N LYS A 38 7.06 -10.53 -16.97
CA LYS A 38 7.04 -9.52 -18.01
C LYS A 38 7.74 -8.24 -17.55
N ARG A 39 8.15 -7.42 -18.51
CA ARG A 39 8.84 -6.17 -18.20
C ARG A 39 7.86 -4.99 -18.22
N LEU A 40 7.19 -4.77 -17.10
CA LEU A 40 6.23 -3.67 -16.99
C LEU A 40 6.72 -2.62 -16.01
N VAL A 41 6.58 -1.36 -16.39
CA VAL A 41 7.00 -0.24 -15.55
C VAL A 41 5.82 0.41 -14.85
N ILE A 42 5.85 0.43 -13.52
CA ILE A 42 4.78 1.03 -12.74
C ILE A 42 5.31 2.09 -11.79
N ARG A 43 4.48 3.08 -11.49
CA ARG A 43 4.87 4.16 -10.59
C ARG A 43 3.82 4.37 -9.51
N LEU A 44 4.27 4.35 -8.26
CA LEU A 44 3.36 4.54 -7.12
C LEU A 44 3.68 5.84 -6.38
N GLY A 45 2.63 6.61 -6.08
CA GLY A 45 2.83 7.86 -5.37
C GLY A 45 1.82 8.06 -4.26
N ILE A 46 2.21 8.82 -3.24
CA ILE A 46 1.33 9.08 -2.11
C ILE A 46 1.12 10.57 -1.90
N GLN A 47 -0.13 10.97 -1.71
CA GLN A 47 -0.46 12.38 -1.51
C GLN A 47 -1.63 12.52 -0.54
N GLY A 48 -1.54 13.50 0.35
CA GLY A 48 -2.59 13.73 1.32
C GLY A 48 -2.07 14.32 2.62
N PRO A 49 -2.47 13.73 3.75
CA PRO A 49 -2.05 14.18 5.08
C PRO A 49 -0.57 13.92 5.35
N GLY A 50 -0.17 14.07 6.60
CA GLY A 50 1.22 13.84 6.96
C GLY A 50 1.51 12.40 7.29
N PHE A 51 0.46 11.58 7.31
CA PHE A 51 0.59 10.16 7.62
C PHE A 51 0.34 9.31 6.39
N GLN A 52 1.24 8.36 6.13
CA GLN A 52 1.11 7.48 4.97
C GLN A 52 2.38 6.64 4.80
N LEU A 53 2.50 6.00 3.63
CA LEU A 53 3.65 5.17 3.33
C LEU A 53 4.95 5.93 3.57
N VAL A 54 5.58 5.67 4.70
CA VAL A 54 6.84 6.33 5.06
C VAL A 54 8.03 5.49 4.62
N GLY A 55 7.83 4.18 4.52
CA GLY A 55 8.90 3.28 4.11
C GLY A 55 9.43 3.60 2.72
N THR A 56 10.62 3.11 2.42
CA THR A 56 11.24 3.34 1.12
C THR A 56 10.62 2.45 0.05
N ASP A 57 9.32 2.61 -0.16
CA ASP A 57 8.60 1.83 -1.16
C ASP A 57 9.09 2.15 -2.57
N SER A 58 10.10 1.43 -3.02
CA SER A 58 10.68 1.64 -4.34
C SER A 58 9.73 1.13 -5.43
N SER A 59 8.85 2.02 -5.88
CA SER A 59 7.89 1.66 -6.92
C SER A 59 7.79 2.76 -7.98
N THR A 60 7.78 4.01 -7.52
CA THR A 60 7.69 5.15 -8.42
C THR A 60 8.75 5.06 -9.53
N ILE A 61 9.87 4.42 -9.21
CA ILE A 61 10.95 4.27 -10.17
C ILE A 61 10.60 3.21 -11.22
N THR A 62 11.55 2.95 -12.13
CA THR A 62 11.34 1.96 -13.17
C THR A 62 11.57 0.55 -12.65
N LEU A 63 10.51 -0.10 -12.20
CA LEU A 63 10.59 -1.46 -11.68
C LEU A 63 9.46 -2.33 -12.23
N GLN A 64 9.39 -3.56 -11.76
CA GLN A 64 8.35 -4.49 -12.19
C GLN A 64 7.62 -5.10 -11.01
N ALA A 65 6.71 -6.02 -11.28
CA ALA A 65 5.93 -6.68 -10.24
C ALA A 65 6.81 -7.62 -9.42
N MET A 66 7.83 -8.18 -10.06
CA MET A 66 8.73 -9.10 -9.39
C MET A 66 9.47 -8.41 -8.25
N GLU A 67 9.62 -7.10 -8.37
CA GLU A 67 10.31 -6.31 -7.35
C GLU A 67 9.61 -6.44 -6.00
N CYS A 68 10.04 -5.63 -5.04
CA CYS A 68 9.46 -5.66 -3.70
C CYS A 68 9.22 -4.24 -3.18
N ARG A 69 8.00 -4.00 -2.68
CA ARG A 69 7.64 -2.69 -2.17
C ARG A 69 7.25 -2.78 -0.70
N SER A 70 7.90 -1.98 0.14
CA SER A 70 7.62 -1.97 1.58
C SER A 70 6.92 -0.69 1.98
N VAL A 71 5.76 -0.84 2.62
CA VAL A 71 4.98 0.31 3.07
C VAL A 71 4.85 0.34 4.59
N VAL A 72 5.43 1.36 5.22
CA VAL A 72 5.38 1.49 6.67
C VAL A 72 4.68 2.79 7.07
N ILE A 73 3.62 2.65 7.86
CA ILE A 73 2.87 3.82 8.31
C ILE A 73 2.88 3.91 9.84
N ASN A 74 3.06 5.13 10.34
CA ASN A 74 3.10 5.36 11.78
C ASN A 74 2.03 6.37 12.20
N PHE A 75 1.16 5.95 13.11
CA PHE A 75 0.08 6.82 13.59
C PHE A 75 0.36 7.26 15.02
N CYS A 76 0.21 8.56 15.26
CA CYS A 76 0.44 9.13 16.59
C CYS A 76 -0.44 10.34 16.82
N PRO A 77 -1.76 10.12 16.88
CA PRO A 77 -2.74 11.19 17.09
C PRO A 77 -2.68 11.75 18.51
N THR A 78 -3.07 13.01 18.66
CA THR A 78 -3.06 13.67 19.95
C THR A 78 -4.48 13.83 20.50
N VAL A 79 -5.44 14.03 19.61
CA VAL A 79 -6.83 14.20 20.00
C VAL A 79 -7.76 13.45 19.05
N CYS A 80 -8.93 13.07 19.55
CA CYS A 80 -9.91 12.35 18.76
C CYS A 80 -10.17 13.05 17.43
N GLY A 81 -9.80 12.39 16.34
CA GLY A 81 -9.99 12.98 15.03
C GLY A 81 -10.48 11.96 14.01
N ALA A 82 -10.87 12.44 12.83
CA ALA A 82 -11.36 11.57 11.77
C ALA A 82 -10.63 11.84 10.46
N ALA A 83 -9.36 11.46 10.40
CA ALA A 83 -8.56 11.65 9.20
C ALA A 83 -8.03 10.32 8.67
N ILE A 84 -8.30 10.05 7.40
CA ILE A 84 -7.85 8.81 6.77
C ILE A 84 -7.25 9.08 5.39
N GLY A 85 -6.37 8.19 4.95
CA GLY A 85 -5.75 8.36 3.65
C GLY A 85 -5.89 7.12 2.79
N ALA A 86 -5.03 7.00 1.77
CA ALA A 86 -5.07 5.86 0.87
C ALA A 86 -3.97 5.96 -0.18
N LEU A 87 -3.66 4.83 -0.81
CA LEU A 87 -2.62 4.80 -1.84
C LEU A 87 -3.24 4.63 -3.22
N SER A 88 -2.68 5.33 -4.20
CA SER A 88 -3.18 5.26 -5.58
C SER A 88 -2.25 4.44 -6.45
N PHE A 89 -2.82 3.77 -7.45
CA PHE A 89 -2.05 2.93 -8.36
C PHE A 89 -2.10 3.48 -9.78
N TYR A 90 -1.03 3.26 -10.54
CA TYR A 90 -0.96 3.74 -11.91
C TYR A 90 -0.83 2.57 -12.88
N ALA A 91 -1.33 2.76 -14.09
CA ALA A 91 -1.27 1.72 -15.12
C ALA A 91 0.07 1.75 -15.85
N PRO A 92 0.44 0.60 -16.43
CA PRO A 92 1.70 0.47 -17.17
C PRO A 92 1.69 1.25 -18.48
N PRO A 93 2.89 1.39 -19.08
CA PRO A 93 3.04 2.11 -20.35
C PRO A 93 2.41 1.36 -21.53
N GLY A 94 1.09 1.44 -21.64
CA GLY A 94 0.40 0.77 -22.72
C GLY A 94 0.44 -0.75 -22.58
N ALA A 95 -0.73 -1.37 -22.60
CA ALA A 95 -0.81 -2.82 -22.48
C ALA A 95 -2.26 -3.30 -22.60
N HIS A 96 -2.52 -4.11 -23.62
CA HIS A 96 -3.87 -4.63 -23.85
C HIS A 96 -4.34 -5.45 -22.65
N ASN A 97 -5.66 -5.62 -22.55
CA ASN A 97 -6.25 -6.37 -21.44
C ASN A 97 -5.99 -5.68 -20.11
N SER A 98 -7.04 -5.15 -19.50
CA SER A 98 -6.92 -4.47 -18.22
C SER A 98 -6.05 -3.22 -18.35
N ASN A 99 -6.46 -2.31 -19.22
CA ASN A 99 -5.71 -1.07 -19.43
C ASN A 99 -6.29 0.07 -18.60
N GLN A 100 -6.75 -0.26 -17.41
CA GLN A 100 -7.32 0.74 -16.51
C GLN A 100 -7.42 0.20 -15.08
N PRO A 101 -6.26 -0.01 -14.45
CA PRO A 101 -6.19 -0.52 -13.08
C PRO A 101 -6.68 0.50 -12.04
N GLY A 102 -5.76 1.35 -11.59
CA GLY A 102 -6.12 2.36 -10.61
C GLY A 102 -6.77 1.77 -9.38
N LEU A 103 -5.98 1.03 -8.60
CA LEU A 103 -6.48 0.39 -7.38
C LEU A 103 -6.19 1.26 -6.16
N GLU A 104 -7.06 1.17 -5.16
CA GLU A 104 -6.89 1.95 -3.94
C GLU A 104 -6.96 1.06 -2.71
N ILE A 105 -5.97 1.18 -1.83
CA ILE A 105 -5.92 0.39 -0.61
C ILE A 105 -6.60 1.10 0.55
N PRO A 106 -7.57 0.43 1.18
CA PRO A 106 -8.31 0.98 2.32
C PRO A 106 -7.45 1.11 3.57
N LEU A 107 -7.22 2.35 4.00
CA LEU A 107 -6.41 2.60 5.18
C LEU A 107 -7.17 3.47 6.18
N TYR A 108 -7.78 2.82 7.16
CA TYR A 108 -8.54 3.53 8.19
C TYR A 108 -7.66 3.89 9.38
N GLY A 109 -7.72 5.15 9.80
CA GLY A 109 -6.92 5.59 10.92
C GLY A 109 -7.60 6.69 11.72
N TYR A 110 -7.84 6.42 13.00
CA TYR A 110 -8.50 7.39 13.87
C TYR A 110 -7.78 7.49 15.20
N GLY A 111 -8.20 8.45 16.03
CA GLY A 111 -7.58 8.64 17.33
C GLY A 111 -8.50 8.25 18.46
N GLY A 112 -7.91 7.75 19.55
CA GLY A 112 -8.71 7.33 20.69
C GLY A 112 -9.61 8.44 21.21
N SER A 113 -10.43 8.12 22.21
CA SER A 113 -11.35 9.10 22.78
C SER A 113 -11.41 8.95 24.29
N PRO A 2 -1.16 -30.23 -16.33
CA PRO A 2 -1.07 -29.45 -15.09
C PRO A 2 -2.39 -29.44 -14.32
N MET A 3 -2.40 -30.07 -13.15
CA MET A 3 -3.59 -30.12 -12.32
C MET A 3 -3.52 -29.10 -11.18
N GLY A 4 -2.62 -29.35 -10.23
CA GLY A 4 -2.47 -28.44 -9.10
C GLY A 4 -2.28 -27.01 -9.54
N LEU A 5 -2.96 -26.09 -8.88
CA LEU A 5 -2.86 -24.67 -9.21
C LEU A 5 -1.97 -23.94 -8.20
N LEU A 6 -1.37 -22.84 -8.64
CA LEU A 6 -0.50 -22.05 -7.77
C LEU A 6 -1.04 -20.64 -7.60
N PRO A 7 -2.11 -20.51 -6.82
CA PRO A 7 -2.75 -19.22 -6.55
C PRO A 7 -1.88 -18.31 -5.68
N LEU A 8 -1.84 -17.03 -6.02
CA LEU A 8 -1.05 -16.06 -5.27
C LEU A 8 -1.94 -14.98 -4.68
N LYS A 9 -1.76 -14.70 -3.38
CA LYS A 9 -2.53 -13.69 -2.70
C LYS A 9 -1.64 -12.56 -2.20
N VAL A 10 -2.21 -11.36 -2.08
CA VAL A 10 -1.46 -10.20 -1.61
C VAL A 10 -1.92 -9.78 -0.21
N THR A 11 -1.06 -9.05 0.49
CA THR A 11 -1.37 -8.58 1.83
C THR A 11 -1.41 -7.06 1.89
N HIS A 12 -0.74 -6.41 0.94
CA HIS A 12 -0.69 -4.96 0.88
C HIS A 12 -2.00 -4.39 0.35
N THR A 13 -2.73 -5.21 -0.40
CA THR A 13 -4.00 -4.80 -0.97
C THR A 13 -4.86 -4.07 0.05
N THR A 14 -4.75 -4.48 1.31
CA THR A 14 -5.51 -3.87 2.39
C THR A 14 -4.71 -3.86 3.69
N LEU A 15 -4.82 -2.77 4.44
CA LEU A 15 -4.11 -2.62 5.70
C LEU A 15 -5.09 -2.68 6.88
N CYS A 16 -4.64 -3.26 7.99
CA CYS A 16 -5.46 -3.37 9.19
C CYS A 16 -4.84 -2.59 10.35
N TRP A 17 -5.65 -1.76 10.99
CA TRP A 17 -5.18 -0.96 12.12
C TRP A 17 -5.96 -1.28 13.38
N GLY A 18 -5.28 -1.25 14.52
CA GLY A 18 -5.93 -1.55 15.78
C GLY A 18 -6.39 -0.31 16.50
N SER A 19 -6.90 -0.48 17.72
CA SER A 19 -7.38 0.65 18.51
C SER A 19 -6.24 1.56 18.91
N THR A 20 -6.33 2.82 18.51
CA THR A 20 -5.30 3.80 18.82
C THR A 20 -5.82 4.85 19.79
N LYS A 21 -5.01 5.20 20.79
CA LYS A 21 -5.38 6.19 21.79
C LYS A 21 -4.59 7.48 21.58
N LEU A 22 -5.13 8.58 22.10
CA LEU A 22 -4.49 9.88 21.98
C LEU A 22 -3.15 9.88 22.70
N ARG A 23 -2.22 10.71 22.23
CA ARG A 23 -0.89 10.81 22.83
C ARG A 23 -0.13 9.50 22.69
N THR A 24 -0.58 8.65 21.76
CA THR A 24 0.06 7.37 21.52
C THR A 24 0.69 7.32 20.13
N ASP A 25 1.62 6.39 19.94
CA ASP A 25 2.29 6.23 18.66
C ASP A 25 2.14 4.81 18.13
N VAL A 26 1.71 4.69 16.88
CA VAL A 26 1.52 3.38 16.26
C VAL A 26 2.28 3.29 14.94
N ARG A 27 2.98 2.18 14.74
CA ARG A 27 3.75 1.97 13.52
C ARG A 27 3.34 0.67 12.84
N LYS A 28 2.95 0.78 11.57
CA LYS A 28 2.53 -0.38 10.79
C LYS A 28 3.36 -0.52 9.52
N SER A 29 3.60 -1.77 9.12
CA SER A 29 4.39 -2.04 7.92
C SER A 29 3.76 -3.17 7.11
N MET A 30 3.88 -3.08 5.78
CA MET A 30 3.33 -4.09 4.90
C MET A 30 4.18 -4.24 3.65
N GLN A 31 4.15 -5.42 3.04
CA GLN A 31 4.93 -5.69 1.84
C GLN A 31 4.10 -6.48 0.83
N VAL A 32 4.42 -6.31 -0.46
CA VAL A 32 3.71 -7.00 -1.52
C VAL A 32 4.66 -7.85 -2.35
N LYS A 33 4.23 -9.07 -2.70
CA LYS A 33 5.04 -9.97 -3.49
C LYS A 33 4.27 -10.46 -4.71
N ASN A 34 4.95 -10.54 -5.85
CA ASN A 34 4.34 -11.00 -7.09
C ASN A 34 5.39 -11.30 -8.15
N THR A 35 5.73 -12.58 -8.28
CA THR A 35 6.73 -13.00 -9.25
C THR A 35 6.25 -12.75 -10.68
N ALA A 36 6.86 -11.79 -11.34
CA ALA A 36 6.49 -11.45 -12.72
C ALA A 36 7.49 -12.04 -13.72
N ASP A 37 6.98 -12.46 -14.87
CA ASP A 37 7.83 -13.05 -15.91
C ASP A 37 7.99 -12.09 -17.08
N LYS A 38 7.37 -10.91 -16.97
CA LYS A 38 7.45 -9.90 -18.02
C LYS A 38 7.99 -8.59 -17.48
N ARG A 39 8.63 -7.82 -18.34
CA ARG A 39 9.20 -6.53 -17.96
C ARG A 39 8.14 -5.43 -18.01
N LEU A 40 7.66 -5.01 -16.85
CA LEU A 40 6.64 -3.96 -16.77
C LEU A 40 7.08 -2.85 -15.82
N VAL A 41 6.82 -1.61 -16.22
CA VAL A 41 7.18 -0.46 -15.39
C VAL A 41 5.97 0.08 -14.64
N ILE A 42 6.05 0.08 -13.31
CA ILE A 42 4.97 0.56 -12.47
C ILE A 42 5.44 1.69 -11.56
N ARG A 43 4.55 2.65 -11.31
CA ARG A 43 4.87 3.78 -10.45
C ARG A 43 3.81 3.98 -9.37
N LEU A 44 4.24 3.99 -8.12
CA LEU A 44 3.33 4.16 -7.00
C LEU A 44 3.56 5.51 -6.31
N GLY A 45 2.47 6.21 -6.02
CA GLY A 45 2.58 7.50 -5.36
C GLY A 45 1.63 7.64 -4.19
N ILE A 46 1.98 8.50 -3.24
CA ILE A 46 1.14 8.72 -2.07
C ILE A 46 0.70 10.18 -1.97
N GLN A 47 -0.46 10.40 -1.37
CA GLN A 47 -0.99 11.75 -1.21
C GLN A 47 -1.32 12.05 0.25
N GLY A 48 -1.00 13.26 0.68
CA GLY A 48 -1.26 13.64 2.06
C GLY A 48 0.00 13.66 2.90
N PRO A 49 0.56 14.85 3.13
CA PRO A 49 1.77 15.03 3.92
C PRO A 49 1.54 14.75 5.40
N GLY A 50 2.43 13.98 6.01
CA GLY A 50 2.29 13.66 7.42
C GLY A 50 2.03 12.19 7.66
N PHE A 51 0.86 11.72 7.20
CA PHE A 51 0.48 10.33 7.37
C PHE A 51 0.37 9.62 6.03
N GLN A 52 1.05 8.49 5.89
CA GLN A 52 1.01 7.73 4.64
C GLN A 52 2.14 6.70 4.60
N LEU A 53 2.39 6.14 3.43
CA LEU A 53 3.44 5.15 3.26
C LEU A 53 4.82 5.79 3.36
N VAL A 54 5.23 6.10 4.59
CA VAL A 54 6.53 6.71 4.83
C VAL A 54 7.66 5.71 4.57
N GLY A 55 7.36 4.43 4.74
CA GLY A 55 8.36 3.40 4.52
C GLY A 55 9.07 3.55 3.19
N THR A 56 10.14 2.79 3.00
CA THR A 56 10.91 2.84 1.77
C THR A 56 10.20 2.09 0.64
N ASP A 57 9.00 2.56 0.29
CA ASP A 57 8.22 1.94 -0.77
C ASP A 57 8.86 2.19 -2.13
N SER A 58 9.77 1.30 -2.52
CA SER A 58 10.46 1.43 -3.80
C SER A 58 9.61 0.88 -4.94
N SER A 59 8.72 1.72 -5.47
CA SER A 59 7.84 1.30 -6.55
C SER A 59 7.79 2.37 -7.65
N THR A 60 7.77 3.63 -7.23
CA THR A 60 7.72 4.75 -8.16
C THR A 60 8.86 4.65 -9.19
N ILE A 61 9.96 4.03 -8.78
CA ILE A 61 11.10 3.87 -9.67
C ILE A 61 10.80 2.90 -10.81
N THR A 62 11.80 2.66 -11.65
CA THR A 62 11.64 1.76 -12.78
C THR A 62 11.95 0.32 -12.39
N LEU A 63 10.93 -0.42 -11.99
CA LEU A 63 11.10 -1.82 -11.60
C LEU A 63 9.98 -2.69 -12.15
N GLN A 64 10.04 -3.98 -11.86
CA GLN A 64 9.03 -4.92 -12.33
C GLN A 64 8.19 -5.44 -11.17
N ALA A 65 7.15 -6.21 -11.49
CA ALA A 65 6.27 -6.78 -10.47
C ALA A 65 7.03 -7.78 -9.59
N MET A 66 8.06 -8.40 -10.16
CA MET A 66 8.85 -9.37 -9.43
C MET A 66 9.53 -8.72 -8.22
N GLU A 67 9.78 -7.42 -8.31
CA GLU A 67 10.42 -6.68 -7.23
C GLU A 67 9.59 -6.75 -5.95
N CYS A 68 9.95 -5.93 -4.98
CA CYS A 68 9.23 -5.90 -3.70
C CYS A 68 8.96 -4.47 -3.26
N ARG A 69 7.76 -4.22 -2.76
CA ARG A 69 7.39 -2.89 -2.29
C ARG A 69 7.02 -2.91 -0.81
N SER A 70 7.69 -2.07 -0.03
CA SER A 70 7.43 -2.00 1.41
C SER A 70 6.75 -0.68 1.77
N VAL A 71 5.57 -0.78 2.38
CA VAL A 71 4.81 0.40 2.78
C VAL A 71 4.64 0.46 4.29
N VAL A 72 5.24 1.47 4.92
CA VAL A 72 5.15 1.64 6.36
C VAL A 72 4.47 2.95 6.72
N ILE A 73 3.50 2.88 7.63
CA ILE A 73 2.77 4.07 8.06
C ILE A 73 2.80 4.21 9.58
N ASN A 74 3.01 5.45 10.05
CA ASN A 74 3.07 5.72 11.47
C ASN A 74 2.01 6.74 11.88
N PHE A 75 1.13 6.35 12.80
CA PHE A 75 0.07 7.23 13.26
C PHE A 75 0.31 7.66 14.71
N CYS A 76 0.19 8.96 14.96
CA CYS A 76 0.40 9.50 16.30
C CYS A 76 -0.42 10.77 16.51
N PRO A 77 -1.75 10.61 16.49
CA PRO A 77 -2.68 11.73 16.68
C PRO A 77 -2.66 12.26 18.11
N THR A 78 -3.12 13.49 18.28
CA THR A 78 -3.15 14.13 19.59
C THR A 78 -4.57 14.21 20.13
N VAL A 79 -5.53 14.38 19.23
CA VAL A 79 -6.94 14.46 19.61
C VAL A 79 -7.83 13.70 18.63
N CYS A 80 -8.97 13.25 19.11
CA CYS A 80 -9.91 12.49 18.28
C CYS A 80 -10.21 13.25 16.98
N GLY A 81 -9.84 12.65 15.85
CA GLY A 81 -10.08 13.28 14.57
C GLY A 81 -10.51 12.29 13.51
N ALA A 82 -10.94 12.80 12.36
CA ALA A 82 -11.38 11.95 11.26
C ALA A 82 -10.42 12.04 10.08
N ALA A 83 -9.24 11.47 10.24
CA ALA A 83 -8.23 11.47 9.19
C ALA A 83 -7.86 10.06 8.76
N ILE A 84 -7.98 9.79 7.46
CA ILE A 84 -7.65 8.48 6.93
C ILE A 84 -6.78 8.59 5.67
N GLY A 85 -5.88 7.64 5.50
CA GLY A 85 -4.99 7.65 4.35
C GLY A 85 -5.47 6.71 3.25
N ALA A 86 -4.74 6.68 2.15
CA ALA A 86 -5.08 5.81 1.02
C ALA A 86 -4.00 5.86 -0.06
N LEU A 87 -3.68 4.70 -0.61
CA LEU A 87 -2.66 4.61 -1.66
C LEU A 87 -3.30 4.29 -3.01
N SER A 88 -2.77 4.91 -4.06
CA SER A 88 -3.29 4.70 -5.41
C SER A 88 -2.29 3.91 -6.26
N PHE A 89 -2.80 3.19 -7.25
CA PHE A 89 -1.96 2.38 -8.13
C PHE A 89 -2.02 2.92 -9.56
N TYR A 90 -0.94 2.72 -10.30
CA TYR A 90 -0.86 3.17 -11.68
C TYR A 90 -0.69 2.00 -12.64
N ALA A 91 -1.18 2.16 -13.86
CA ALA A 91 -1.08 1.11 -14.87
C ALA A 91 0.26 1.17 -15.59
N PRO A 92 0.68 0.03 -16.16
CA PRO A 92 1.96 -0.07 -16.88
C PRO A 92 1.92 0.68 -18.21
N PRO A 93 3.10 0.86 -18.82
CA PRO A 93 3.23 1.56 -20.10
C PRO A 93 2.63 0.77 -21.26
N GLY A 94 1.31 0.82 -21.39
CA GLY A 94 0.65 0.09 -22.46
C GLY A 94 -0.65 -0.54 -22.01
N ALA A 95 -0.94 -1.73 -22.53
CA ALA A 95 -2.15 -2.45 -22.17
C ALA A 95 -2.02 -3.94 -22.47
N HIS A 96 -2.31 -4.76 -21.47
CA HIS A 96 -2.23 -6.21 -21.63
C HIS A 96 -3.45 -6.90 -21.03
N ASN A 97 -3.51 -6.95 -19.70
CA ASN A 97 -4.62 -7.58 -19.01
C ASN A 97 -5.89 -6.75 -19.15
N SER A 98 -5.83 -5.49 -18.74
CA SER A 98 -6.97 -4.58 -18.83
C SER A 98 -8.12 -5.08 -17.95
N ASN A 99 -7.82 -5.29 -16.68
CA ASN A 99 -8.83 -5.76 -15.72
C ASN A 99 -9.42 -4.60 -14.93
N GLN A 100 -9.59 -3.46 -15.60
CA GLN A 100 -10.15 -2.28 -14.97
C GLN A 100 -9.30 -1.84 -13.78
N PRO A 101 -8.08 -1.36 -14.08
CA PRO A 101 -7.14 -0.90 -13.05
C PRO A 101 -7.59 0.40 -12.39
N GLY A 102 -6.76 0.94 -11.51
CA GLY A 102 -7.09 2.17 -10.82
C GLY A 102 -7.78 1.91 -9.49
N LEU A 103 -7.23 1.00 -8.70
CA LEU A 103 -7.80 0.67 -7.40
C LEU A 103 -7.04 1.38 -6.28
N GLU A 104 -7.72 1.58 -5.16
CA GLU A 104 -7.11 2.24 -4.01
C GLU A 104 -7.22 1.37 -2.75
N ILE A 105 -6.12 1.26 -2.03
CA ILE A 105 -6.09 0.47 -0.81
C ILE A 105 -6.77 1.20 0.35
N PRO A 106 -7.76 0.55 0.97
CA PRO A 106 -8.50 1.14 2.10
C PRO A 106 -7.65 1.23 3.36
N LEU A 107 -7.37 2.45 3.80
CA LEU A 107 -6.57 2.67 4.99
C LEU A 107 -7.38 3.41 6.07
N TYR A 108 -8.08 2.64 6.89
CA TYR A 108 -8.90 3.22 7.95
C TYR A 108 -8.09 3.34 9.24
N GLY A 109 -8.14 4.52 9.85
CA GLY A 109 -7.41 4.74 11.09
C GLY A 109 -7.72 6.10 11.71
N TYR A 110 -8.32 6.09 12.88
CA TYR A 110 -8.67 7.33 13.57
C TYR A 110 -7.97 7.41 14.92
N GLY A 111 -8.27 8.47 15.68
CA GLY A 111 -7.67 8.64 16.98
C GLY A 111 -8.61 8.27 18.11
N GLY A 112 -8.05 8.00 19.29
CA GLY A 112 -8.85 7.63 20.43
C GLY A 112 -9.63 8.81 20.99
N SER A 113 -10.45 8.53 22.00
CA SER A 113 -11.26 9.57 22.64
C SER A 113 -11.15 9.51 24.16
N PRO A 2 -8.11 -32.41 -5.21
CA PRO A 2 -7.06 -32.13 -6.19
C PRO A 2 -6.09 -31.05 -5.71
N MET A 3 -4.91 -31.01 -6.33
CA MET A 3 -3.90 -30.02 -5.97
C MET A 3 -4.30 -28.63 -6.44
N GLY A 4 -4.65 -28.53 -7.72
CA GLY A 4 -5.04 -27.24 -8.27
C GLY A 4 -3.90 -26.54 -8.99
N LEU A 5 -3.89 -25.21 -8.93
CA LEU A 5 -2.85 -24.43 -9.57
C LEU A 5 -1.95 -23.75 -8.53
N LEU A 6 -2.54 -23.43 -7.38
CA LEU A 6 -1.79 -22.78 -6.31
C LEU A 6 -1.20 -21.46 -6.77
N PRO A 7 -2.07 -20.46 -6.99
CA PRO A 7 -1.66 -19.14 -7.44
C PRO A 7 -0.90 -18.36 -6.35
N LEU A 8 -0.65 -17.09 -6.61
CA LEU A 8 0.06 -16.24 -5.66
C LEU A 8 -0.86 -15.16 -5.09
N LYS A 9 -0.67 -14.83 -3.82
CA LYS A 9 -1.47 -13.82 -3.16
C LYS A 9 -0.59 -12.73 -2.55
N VAL A 10 -1.15 -11.53 -2.42
CA VAL A 10 -0.41 -10.40 -1.86
C VAL A 10 -0.95 -10.04 -0.48
N THR A 11 -0.13 -9.36 0.31
CA THR A 11 -0.52 -8.94 1.66
C THR A 11 -0.59 -7.42 1.77
N HIS A 12 0.09 -6.73 0.85
CA HIS A 12 0.10 -5.28 0.84
C HIS A 12 -1.22 -4.73 0.31
N THR A 13 -1.94 -5.56 -0.44
CA THR A 13 -3.22 -5.15 -1.02
C THR A 13 -4.09 -4.46 0.02
N THR A 14 -3.96 -4.88 1.28
CA THR A 14 -4.74 -4.31 2.37
C THR A 14 -3.93 -4.25 3.65
N LEU A 15 -4.09 -3.17 4.41
CA LEU A 15 -3.38 -3.00 5.67
C LEU A 15 -4.31 -3.19 6.86
N CYS A 16 -3.78 -3.73 7.95
CA CYS A 16 -4.58 -3.96 9.14
C CYS A 16 -4.04 -3.15 10.32
N TRP A 17 -4.93 -2.43 10.99
CA TRP A 17 -4.54 -1.60 12.12
C TRP A 17 -5.26 -2.04 13.39
N GLY A 18 -4.65 -1.78 14.55
CA GLY A 18 -5.26 -2.15 15.81
C GLY A 18 -5.86 -0.97 16.53
N SER A 19 -6.32 -1.20 17.77
CA SER A 19 -6.92 -0.15 18.56
C SER A 19 -5.89 0.91 18.94
N THR A 20 -6.14 2.15 18.50
CA THR A 20 -5.24 3.25 18.79
C THR A 20 -5.90 4.29 19.68
N LYS A 21 -5.16 4.79 20.67
CA LYS A 21 -5.67 5.79 21.58
C LYS A 21 -5.09 7.16 21.28
N LEU A 22 -5.81 8.21 21.66
CA LEU A 22 -5.36 9.58 21.43
C LEU A 22 -4.06 9.86 22.17
N ARG A 23 -3.27 10.78 21.63
CA ARG A 23 -1.99 11.15 22.24
C ARG A 23 -1.02 9.97 22.21
N THR A 24 -1.32 8.99 21.36
CA THR A 24 -0.47 7.80 21.23
C THR A 24 0.14 7.73 19.84
N ASP A 25 1.21 6.94 19.72
CA ASP A 25 1.90 6.78 18.44
C ASP A 25 1.97 5.31 18.05
N VAL A 26 1.52 5.01 16.83
CA VAL A 26 1.53 3.64 16.34
C VAL A 26 2.28 3.54 15.02
N ARG A 27 3.13 2.52 14.89
CA ARG A 27 3.91 2.31 13.68
C ARG A 27 3.58 0.97 13.04
N LYS A 28 3.27 1.00 11.74
CA LYS A 28 2.93 -0.20 11.01
C LYS A 28 3.77 -0.33 9.74
N SER A 29 4.06 -1.57 9.35
CA SER A 29 4.87 -1.82 8.16
C SER A 29 4.25 -2.93 7.32
N MET A 30 4.50 -2.89 6.02
CA MET A 30 3.98 -3.89 5.10
C MET A 30 4.94 -4.14 3.95
N GLN A 31 4.88 -5.34 3.37
CA GLN A 31 5.75 -5.69 2.26
C GLN A 31 5.04 -6.63 1.29
N VAL A 32 5.43 -6.57 0.03
CA VAL A 32 4.83 -7.42 -1.01
C VAL A 32 5.87 -8.30 -1.68
N LYS A 33 5.48 -9.52 -2.02
CA LYS A 33 6.38 -10.46 -2.69
C LYS A 33 5.66 -11.23 -3.78
N ASN A 34 6.36 -11.49 -4.88
CA ASN A 34 5.78 -12.23 -5.99
C ASN A 34 6.83 -12.49 -7.07
N THR A 35 6.74 -13.64 -7.72
CA THR A 35 7.68 -14.01 -8.77
C THR A 35 7.08 -13.73 -10.15
N ALA A 36 7.66 -12.75 -10.86
CA ALA A 36 7.19 -12.40 -12.19
C ALA A 36 8.28 -12.61 -13.24
N ASP A 37 7.87 -12.95 -14.45
CA ASP A 37 8.82 -13.18 -15.54
C ASP A 37 8.77 -12.04 -16.55
N LYS A 38 7.91 -11.05 -16.29
CA LYS A 38 7.76 -9.92 -17.18
C LYS A 38 8.26 -8.63 -16.51
N ARG A 39 8.56 -7.63 -17.32
CA ARG A 39 9.04 -6.35 -16.81
C ARG A 39 8.07 -5.22 -17.16
N LEU A 40 7.52 -4.59 -16.14
CA LEU A 40 6.57 -3.50 -16.33
C LEU A 40 6.97 -2.29 -15.49
N VAL A 41 6.83 -1.09 -16.07
CA VAL A 41 7.17 0.14 -15.37
C VAL A 41 5.91 0.84 -14.85
N ILE A 42 5.83 0.99 -13.54
CA ILE A 42 4.69 1.64 -12.91
C ILE A 42 5.13 2.77 -11.99
N ARG A 43 4.25 3.75 -11.79
CA ARG A 43 4.55 4.88 -10.93
C ARG A 43 3.66 4.89 -9.69
N LEU A 44 4.28 4.86 -8.52
CA LEU A 44 3.54 4.86 -7.26
C LEU A 44 3.94 6.05 -6.39
N GLY A 45 2.93 6.76 -5.88
CA GLY A 45 3.20 7.92 -5.04
C GLY A 45 2.28 7.97 -3.84
N ILE A 46 2.77 8.59 -2.76
CA ILE A 46 1.99 8.71 -1.54
C ILE A 46 1.83 10.17 -1.12
N GLN A 47 0.72 10.48 -0.47
CA GLN A 47 0.44 11.84 -0.02
C GLN A 47 0.10 11.86 1.47
N GLY A 48 0.55 12.90 2.16
CA GLY A 48 0.27 13.02 3.59
C GLY A 48 1.53 13.23 4.40
N PRO A 49 1.63 14.39 5.05
CA PRO A 49 2.79 14.74 5.88
C PRO A 49 2.85 13.91 7.16
N GLY A 50 3.78 12.95 7.20
CA GLY A 50 3.92 12.11 8.37
C GLY A 50 3.07 10.85 8.29
N PHE A 51 1.99 10.93 7.52
CA PHE A 51 1.09 9.79 7.37
C PHE A 51 1.36 9.06 6.06
N GLN A 52 0.61 7.98 5.81
CA GLN A 52 0.79 7.20 4.60
C GLN A 52 2.10 6.42 4.63
N LEU A 53 2.48 5.87 3.48
CA LEU A 53 3.72 5.11 3.38
C LEU A 53 4.94 6.03 3.52
N VAL A 54 5.36 6.25 4.77
CA VAL A 54 6.51 7.09 5.05
C VAL A 54 7.81 6.31 4.93
N GLY A 55 7.74 5.01 5.20
CA GLY A 55 8.93 4.17 5.12
C GLY A 55 9.07 3.52 3.76
N THR A 56 8.58 4.19 2.72
CA THR A 56 8.66 3.66 1.37
C THR A 56 10.08 3.23 1.03
N ASP A 57 10.22 2.50 -0.08
CA ASP A 57 11.53 2.02 -0.52
C ASP A 57 11.77 2.36 -1.98
N SER A 58 11.05 1.66 -2.86
CA SER A 58 11.19 1.88 -4.30
C SER A 58 9.98 1.34 -5.05
N SER A 59 9.04 2.24 -5.36
CA SER A 59 7.83 1.86 -6.08
C SER A 59 7.70 2.64 -7.39
N THR A 60 8.17 3.88 -7.37
CA THR A 60 8.10 4.74 -8.56
C THR A 60 8.82 4.08 -9.73
N ILE A 61 9.95 3.45 -9.46
CA ILE A 61 10.72 2.79 -10.50
C ILE A 61 9.98 1.56 -11.05
N THR A 62 10.68 0.79 -11.87
CA THR A 62 10.09 -0.42 -12.46
C THR A 62 9.39 -1.26 -11.40
N LEU A 63 8.07 -1.14 -11.33
CA LEU A 63 7.28 -1.89 -10.35
C LEU A 63 6.71 -3.16 -10.99
N GLN A 64 6.73 -4.26 -10.24
CA GLN A 64 6.21 -5.52 -10.72
C GLN A 64 6.21 -6.58 -9.62
N ALA A 65 5.66 -7.75 -9.93
CA ALA A 65 5.60 -8.84 -8.96
C ALA A 65 6.97 -9.09 -8.33
N MET A 66 8.00 -9.17 -9.17
CA MET A 66 9.36 -9.40 -8.69
C MET A 66 9.83 -8.26 -7.79
N GLU A 67 9.43 -7.04 -8.15
CA GLU A 67 9.81 -5.87 -7.38
C GLU A 67 9.41 -6.02 -5.91
N CYS A 68 10.20 -5.43 -5.02
CA CYS A 68 9.92 -5.51 -3.59
C CYS A 68 10.15 -4.16 -2.92
N ARG A 69 9.12 -3.65 -2.26
CA ARG A 69 9.21 -2.35 -1.58
C ARG A 69 8.56 -2.42 -0.21
N SER A 70 9.14 -1.72 0.76
CA SER A 70 8.62 -1.70 2.12
C SER A 70 7.86 -0.40 2.39
N VAL A 71 6.64 -0.54 2.88
CA VAL A 71 5.80 0.62 3.19
C VAL A 71 5.46 0.68 4.68
N VAL A 72 5.92 1.73 5.34
CA VAL A 72 5.66 1.90 6.76
C VAL A 72 4.82 3.14 7.02
N ILE A 73 3.71 2.96 7.74
CA ILE A 73 2.82 4.07 8.06
C ILE A 73 2.74 4.30 9.57
N ASN A 74 2.72 5.56 9.98
CA ASN A 74 2.64 5.91 11.39
C ASN A 74 1.42 6.77 11.67
N PHE A 75 0.59 6.33 12.61
CA PHE A 75 -0.63 7.05 12.98
C PHE A 75 -0.55 7.55 14.41
N CYS A 76 -0.67 8.85 14.59
CA CYS A 76 -0.60 9.46 15.92
C CYS A 76 -1.70 10.52 16.08
N PRO A 77 -2.95 10.07 16.18
CA PRO A 77 -4.10 10.96 16.34
C PRO A 77 -4.14 11.64 17.71
N THR A 78 -4.40 12.94 17.71
CA THR A 78 -4.45 13.70 18.95
C THR A 78 -5.88 13.79 19.48
N VAL A 79 -6.85 13.86 18.56
CA VAL A 79 -8.25 13.96 18.92
C VAL A 79 -9.11 13.09 18.02
N CYS A 80 -10.22 12.59 18.56
CA CYS A 80 -11.13 11.74 17.80
C CYS A 80 -11.50 12.39 16.47
N GLY A 81 -10.96 11.84 15.39
CA GLY A 81 -11.24 12.39 14.07
C GLY A 81 -11.40 11.31 13.02
N ALA A 82 -11.86 11.69 11.84
CA ALA A 82 -12.05 10.75 10.74
C ALA A 82 -10.97 10.91 9.68
N ALA A 83 -9.72 10.72 10.09
CA ALA A 83 -8.60 10.85 9.18
C ALA A 83 -8.09 9.48 8.74
N ILE A 84 -8.06 9.25 7.43
CA ILE A 84 -7.60 7.97 6.89
C ILE A 84 -6.71 8.18 5.67
N GLY A 85 -5.84 7.21 5.39
CA GLY A 85 -4.96 7.31 4.25
C GLY A 85 -5.32 6.33 3.15
N ALA A 86 -4.65 6.46 2.01
CA ALA A 86 -4.90 5.58 0.87
C ALA A 86 -3.77 5.66 -0.14
N LEU A 87 -3.53 4.55 -0.84
CA LEU A 87 -2.47 4.49 -1.83
C LEU A 87 -3.04 4.53 -3.24
N SER A 88 -2.42 5.31 -4.11
CA SER A 88 -2.87 5.44 -5.50
C SER A 88 -1.95 4.67 -6.44
N PHE A 89 -2.54 4.09 -7.48
CA PHE A 89 -1.78 3.32 -8.45
C PHE A 89 -1.96 3.90 -9.85
N TYR A 90 -0.93 3.76 -10.68
CA TYR A 90 -0.97 4.26 -12.04
C TYR A 90 -0.81 3.13 -13.06
N ALA A 91 -1.40 3.31 -14.23
CA ALA A 91 -1.33 2.31 -15.29
C ALA A 91 0.03 2.34 -15.99
N PRO A 92 0.41 1.21 -16.59
CA PRO A 92 1.69 1.08 -17.29
C PRO A 92 1.73 1.89 -18.58
N PRO A 93 2.93 2.04 -19.16
CA PRO A 93 3.12 2.79 -20.40
C PRO A 93 2.52 2.08 -21.61
N GLY A 94 1.21 2.19 -21.76
CA GLY A 94 0.52 1.55 -22.88
C GLY A 94 -0.74 2.27 -23.27
N ALA A 95 -1.27 1.93 -24.44
CA ALA A 95 -2.50 2.56 -24.94
C ALA A 95 -3.61 1.53 -25.09
N HIS A 96 -3.24 0.31 -25.49
CA HIS A 96 -4.21 -0.75 -25.68
C HIS A 96 -5.09 -0.91 -24.44
N ASN A 97 -6.17 -1.68 -24.58
CA ASN A 97 -7.10 -1.91 -23.48
C ASN A 97 -6.36 -2.44 -22.25
N SER A 98 -7.06 -2.53 -21.13
CA SER A 98 -6.47 -3.01 -19.89
C SER A 98 -7.51 -3.73 -19.03
N ASN A 99 -7.10 -4.19 -17.86
CA ASN A 99 -8.00 -4.89 -16.95
C ASN A 99 -8.58 -3.93 -15.91
N GLN A 100 -8.84 -2.70 -16.34
CA GLN A 100 -9.41 -1.69 -15.45
C GLN A 100 -8.50 -1.46 -14.25
N PRO A 101 -7.31 -0.89 -14.50
CA PRO A 101 -6.32 -0.60 -13.46
C PRO A 101 -6.78 0.52 -12.53
N GLY A 102 -5.91 0.89 -11.59
CA GLY A 102 -6.24 1.95 -10.65
C GLY A 102 -6.76 1.41 -9.34
N LEU A 103 -5.97 0.58 -8.68
CA LEU A 103 -6.36 0.00 -7.40
C LEU A 103 -5.91 0.87 -6.24
N GLU A 104 -6.75 0.94 -5.20
CA GLU A 104 -6.43 1.74 -4.03
C GLU A 104 -6.53 0.90 -2.75
N ILE A 105 -5.44 0.85 -2.01
CA ILE A 105 -5.40 0.09 -0.76
C ILE A 105 -6.08 0.85 0.37
N PRO A 106 -7.07 0.22 1.01
CA PRO A 106 -7.81 0.82 2.12
C PRO A 106 -6.96 0.95 3.38
N LEU A 107 -6.71 2.18 3.80
CA LEU A 107 -5.91 2.44 4.99
C LEU A 107 -6.70 3.26 6.01
N TYR A 108 -7.39 2.58 6.90
CA TYR A 108 -8.20 3.25 7.93
C TYR A 108 -7.38 3.44 9.20
N GLY A 109 -7.40 4.67 9.72
CA GLY A 109 -6.66 4.97 10.94
C GLY A 109 -7.33 6.06 11.76
N TYR A 110 -8.28 5.68 12.59
CA TYR A 110 -8.99 6.64 13.43
C TYR A 110 -8.37 6.71 14.83
N GLY A 111 -8.76 7.73 15.58
CA GLY A 111 -8.23 7.90 16.93
C GLY A 111 -9.20 7.43 18.00
N GLY A 112 -8.67 7.13 19.18
CA GLY A 112 -9.51 6.68 20.27
C GLY A 112 -10.23 7.82 20.97
N SER A 113 -10.64 7.59 22.21
CA SER A 113 -11.34 8.61 22.98
C SER A 113 -10.63 8.88 24.31
N PRO A 2 -1.23 -18.80 -23.42
CA PRO A 2 -2.27 -18.48 -22.45
C PRO A 2 -2.58 -19.63 -21.51
N MET A 3 -1.56 -20.42 -21.20
CA MET A 3 -1.72 -21.57 -20.31
C MET A 3 -0.90 -21.38 -19.03
N GLY A 4 -1.58 -21.36 -17.89
CA GLY A 4 -0.90 -21.18 -16.62
C GLY A 4 -1.48 -20.05 -15.80
N LEU A 5 -1.28 -20.10 -14.49
CA LEU A 5 -1.78 -19.07 -13.60
C LEU A 5 -0.80 -18.81 -12.47
N LEU A 6 -0.94 -17.64 -11.83
CA LEU A 6 -0.06 -17.27 -10.73
C LEU A 6 -0.85 -17.09 -9.43
N PRO A 7 -1.29 -18.22 -8.84
CA PRO A 7 -2.05 -18.20 -7.61
C PRO A 7 -1.22 -17.79 -6.40
N LEU A 8 -1.12 -16.48 -6.18
CA LEU A 8 -0.34 -15.95 -5.07
C LEU A 8 -1.20 -15.03 -4.20
N LYS A 9 -0.86 -14.96 -2.92
CA LYS A 9 -1.59 -14.12 -1.97
C LYS A 9 -0.71 -12.99 -1.44
N VAL A 10 -1.33 -11.88 -1.06
CA VAL A 10 -0.59 -10.74 -0.52
C VAL A 10 -1.08 -10.37 0.87
N THR A 11 -0.28 -9.60 1.60
CA THR A 11 -0.64 -9.19 2.94
C THR A 11 -0.78 -7.67 3.03
N HIS A 12 -0.14 -6.97 2.10
CA HIS A 12 -0.19 -5.51 2.07
C HIS A 12 -1.52 -5.03 1.50
N THR A 13 -2.22 -5.93 0.81
CA THR A 13 -3.50 -5.60 0.20
C THR A 13 -4.40 -4.86 1.18
N THR A 14 -4.27 -5.21 2.46
CA THR A 14 -5.08 -4.59 3.50
C THR A 14 -4.28 -4.44 4.80
N LEU A 15 -4.47 -3.32 5.48
CA LEU A 15 -3.78 -3.07 6.73
C LEU A 15 -4.76 -3.00 7.91
N CYS A 16 -4.32 -3.46 9.07
CA CYS A 16 -5.17 -3.45 10.27
C CYS A 16 -4.58 -2.54 11.33
N TRP A 17 -5.41 -1.66 11.87
CA TRP A 17 -4.98 -0.72 12.91
C TRP A 17 -5.72 -0.98 14.21
N GLY A 18 -5.00 -0.81 15.33
CA GLY A 18 -5.61 -1.03 16.63
C GLY A 18 -6.15 0.25 17.25
N SER A 19 -6.62 0.15 18.48
CA SER A 19 -7.18 1.30 19.18
C SER A 19 -6.09 2.33 19.48
N THR A 20 -6.27 3.54 18.96
CA THR A 20 -5.30 4.61 19.18
C THR A 20 -5.88 5.71 20.06
N LYS A 21 -5.07 6.19 21.00
CA LYS A 21 -5.50 7.23 21.92
C LYS A 21 -4.73 8.53 21.67
N LEU A 22 -5.31 9.64 22.09
CA LEU A 22 -4.68 10.94 21.90
C LEU A 22 -3.37 11.02 22.66
N ARG A 23 -2.44 11.84 22.15
CA ARG A 23 -1.13 12.00 22.79
C ARG A 23 -0.34 10.70 22.75
N THR A 24 -0.75 9.79 21.87
CA THR A 24 -0.08 8.50 21.73
C THR A 24 0.59 8.38 20.36
N ASP A 25 1.55 7.47 20.26
CA ASP A 25 2.27 7.25 19.01
C ASP A 25 2.20 5.78 18.60
N VAL A 26 1.84 5.54 17.34
CA VAL A 26 1.73 4.18 16.82
C VAL A 26 2.43 4.06 15.46
N ARG A 27 3.23 3.01 15.31
CA ARG A 27 3.95 2.77 14.07
C ARG A 27 3.64 1.39 13.51
N LYS A 28 3.24 1.34 12.26
CA LYS A 28 2.91 0.07 11.61
C LYS A 28 3.71 -0.10 10.32
N SER A 29 4.05 -1.34 10.00
CA SER A 29 4.82 -1.64 8.79
C SER A 29 4.28 -2.88 8.10
N MET A 30 4.38 -2.91 6.78
CA MET A 30 3.90 -4.05 5.99
C MET A 30 4.76 -4.24 4.75
N GLN A 31 4.80 -5.48 4.26
CA GLN A 31 5.59 -5.80 3.08
C GLN A 31 4.82 -6.73 2.15
N VAL A 32 5.14 -6.67 0.85
CA VAL A 32 4.47 -7.51 -0.13
C VAL A 32 5.48 -8.38 -0.88
N LYS A 33 5.11 -9.64 -1.09
CA LYS A 33 5.97 -10.58 -1.79
C LYS A 33 5.22 -11.28 -2.93
N ASN A 34 5.86 -11.34 -4.09
CA ASN A 34 5.24 -11.97 -5.25
C ASN A 34 6.26 -12.11 -6.38
N THR A 35 6.82 -13.32 -6.53
CA THR A 35 7.80 -13.60 -7.56
C THR A 35 7.15 -13.60 -8.94
N ALA A 36 7.45 -12.58 -9.74
CA ALA A 36 6.89 -12.49 -11.09
C ALA A 36 7.87 -13.03 -12.12
N ASP A 37 7.33 -13.65 -13.16
CA ASP A 37 8.15 -14.22 -14.23
C ASP A 37 8.04 -13.39 -15.50
N LYS A 38 7.27 -12.31 -15.43
CA LYS A 38 7.08 -11.43 -16.58
C LYS A 38 7.75 -10.07 -16.34
N ARG A 39 8.00 -9.34 -17.42
CA ARG A 39 8.62 -8.03 -17.33
C ARG A 39 7.57 -6.92 -17.41
N LEU A 40 6.96 -6.60 -16.27
CA LEU A 40 5.94 -5.56 -16.21
C LEU A 40 6.43 -4.36 -15.39
N VAL A 41 6.13 -3.17 -15.87
CA VAL A 41 6.52 -1.94 -15.18
C VAL A 41 5.36 -1.35 -14.39
N ILE A 42 5.57 -1.18 -13.09
CA ILE A 42 4.54 -0.62 -12.22
C ILE A 42 5.07 0.61 -11.47
N ARG A 43 4.18 1.55 -11.20
CA ARG A 43 4.53 2.77 -10.48
C ARG A 43 3.59 3.03 -9.31
N LEU A 44 4.16 3.11 -8.11
CA LEU A 44 3.36 3.34 -6.91
C LEU A 44 3.75 4.66 -6.26
N GLY A 45 2.74 5.45 -5.87
CA GLY A 45 3.01 6.73 -5.24
C GLY A 45 2.13 6.96 -4.03
N ILE A 46 2.62 7.75 -3.07
CA ILE A 46 1.87 8.05 -1.87
C ILE A 46 1.70 9.55 -1.68
N GLN A 47 0.57 9.95 -1.11
CA GLN A 47 0.29 11.36 -0.88
C GLN A 47 -0.15 11.60 0.56
N GLY A 48 0.34 12.69 1.15
CA GLY A 48 0.00 13.01 2.53
C GLY A 48 1.14 12.72 3.49
N PRO A 49 1.88 13.77 3.87
CA PRO A 49 3.01 13.65 4.80
C PRO A 49 2.56 13.32 6.22
N GLY A 50 3.44 12.68 6.99
CA GLY A 50 3.12 12.33 8.35
C GLY A 50 2.37 11.01 8.45
N PHE A 51 1.27 10.90 7.71
CA PHE A 51 0.46 9.68 7.72
C PHE A 51 0.56 8.95 6.39
N GLN A 52 -0.12 7.82 6.28
CA GLN A 52 -0.11 7.03 5.06
C GLN A 52 1.27 6.42 4.81
N LEU A 53 1.34 5.48 3.88
CA LEU A 53 2.60 4.83 3.54
C LEU A 53 3.72 5.85 3.36
N VAL A 54 4.55 6.00 4.38
CA VAL A 54 5.66 6.94 4.33
C VAL A 54 6.97 6.23 4.02
N GLY A 55 7.17 5.07 4.62
CA GLY A 55 8.38 4.30 4.40
C GLY A 55 8.30 3.45 3.15
N THR A 56 7.89 4.05 2.05
CA THR A 56 7.76 3.34 0.78
C THR A 56 9.13 2.89 0.27
N ASP A 57 9.12 2.10 -0.79
CA ASP A 57 10.36 1.59 -1.39
C ASP A 57 10.34 1.74 -2.90
N SER A 58 11.38 1.23 -3.56
CA SER A 58 11.49 1.30 -5.01
C SER A 58 10.28 0.66 -5.67
N SER A 59 9.31 1.50 -6.04
CA SER A 59 8.09 1.01 -6.69
C SER A 59 7.70 1.91 -7.86
N THR A 60 7.84 3.22 -7.66
CA THR A 60 7.49 4.20 -8.69
C THR A 60 8.42 4.07 -9.89
N ILE A 61 9.63 3.57 -9.66
CA ILE A 61 10.61 3.40 -10.72
C ILE A 61 10.23 2.23 -11.62
N THR A 62 11.11 1.93 -12.59
CA THR A 62 10.87 0.84 -13.51
C THR A 62 11.33 -0.49 -12.93
N LEU A 63 10.41 -1.20 -12.28
CA LEU A 63 10.73 -2.49 -11.68
C LEU A 63 9.71 -3.55 -12.09
N GLN A 64 9.74 -4.69 -11.42
CA GLN A 64 8.83 -5.79 -11.71
C GLN A 64 8.08 -6.22 -10.45
N ALA A 65 7.16 -7.17 -10.62
CA ALA A 65 6.38 -7.67 -9.49
C ALA A 65 7.25 -8.50 -8.56
N MET A 66 8.31 -9.08 -9.10
CA MET A 66 9.22 -9.90 -8.31
C MET A 66 9.88 -9.08 -7.20
N GLU A 67 9.99 -7.77 -7.42
CA GLU A 67 10.59 -6.88 -6.45
C GLU A 67 9.83 -6.93 -5.13
N CYS A 68 10.18 -6.03 -4.21
CA CYS A 68 9.54 -5.97 -2.91
C CYS A 68 9.18 -4.53 -2.54
N ARG A 69 7.99 -4.34 -1.99
CA ARG A 69 7.54 -3.01 -1.59
C ARG A 69 7.18 -2.98 -0.11
N SER A 70 7.79 -2.04 0.62
CA SER A 70 7.54 -1.91 2.05
C SER A 70 6.76 -0.63 2.35
N VAL A 71 5.62 -0.79 3.02
CA VAL A 71 4.77 0.35 3.37
C VAL A 71 4.68 0.52 4.88
N VAL A 72 5.17 1.65 5.37
CA VAL A 72 5.15 1.94 6.80
C VAL A 72 4.31 3.17 7.10
N ILE A 73 3.43 3.06 8.10
CA ILE A 73 2.57 4.16 8.48
C ILE A 73 2.76 4.53 9.95
N ASN A 74 2.74 5.82 10.24
CA ASN A 74 2.91 6.30 11.61
C ASN A 74 1.76 7.22 12.01
N PHE A 75 1.05 6.85 13.07
CA PHE A 75 -0.08 7.64 13.55
C PHE A 75 0.22 8.21 14.93
N CYS A 76 -0.03 9.51 15.10
CA CYS A 76 0.21 10.17 16.38
C CYS A 76 -0.66 11.43 16.50
N PRO A 77 -1.98 11.22 16.53
CA PRO A 77 -2.94 12.33 16.64
C PRO A 77 -2.92 12.97 18.02
N THR A 78 -3.30 14.25 18.08
CA THR A 78 -3.32 14.97 19.34
C THR A 78 -4.75 15.19 19.83
N VAL A 79 -5.67 15.35 18.89
CA VAL A 79 -7.08 15.56 19.22
C VAL A 79 -7.99 14.78 18.28
N CYS A 80 -9.19 14.46 18.74
CA CYS A 80 -10.15 13.72 17.94
C CYS A 80 -10.31 14.36 16.57
N GLY A 81 -9.79 13.68 15.55
CA GLY A 81 -9.90 14.20 14.20
C GLY A 81 -10.44 13.18 13.22
N ALA A 82 -10.75 13.62 12.00
CA ALA A 82 -11.28 12.74 10.98
C ALA A 82 -10.43 12.80 9.71
N ALA A 83 -9.24 12.23 9.77
CA ALA A 83 -8.34 12.22 8.62
C ALA A 83 -7.99 10.79 8.21
N ILE A 84 -8.22 10.47 6.94
CA ILE A 84 -7.92 9.15 6.42
C ILE A 84 -7.22 9.23 5.07
N GLY A 85 -6.45 8.18 4.75
CA GLY A 85 -5.74 8.15 3.49
C GLY A 85 -5.98 6.87 2.71
N ALA A 86 -5.11 6.58 1.76
CA ALA A 86 -5.24 5.38 0.94
C ALA A 86 -4.08 5.26 -0.05
N LEU A 87 -3.89 4.07 -0.59
CA LEU A 87 -2.82 3.83 -1.55
C LEU A 87 -3.38 3.71 -2.97
N SER A 88 -2.65 4.26 -3.94
CA SER A 88 -3.07 4.22 -5.33
C SER A 88 -2.15 3.32 -6.16
N PHE A 89 -2.73 2.62 -7.12
CA PHE A 89 -1.98 1.72 -7.98
C PHE A 89 -2.07 2.14 -9.44
N TYR A 90 -1.03 1.85 -10.21
CA TYR A 90 -1.00 2.20 -11.62
C TYR A 90 -0.91 0.95 -12.49
N ALA A 91 -1.46 1.05 -13.70
CA ALA A 91 -1.44 -0.07 -14.63
C ALA A 91 -0.12 -0.13 -15.40
N PRO A 92 0.23 -1.33 -15.88
CA PRO A 92 1.46 -1.54 -16.65
C PRO A 92 1.42 -0.89 -18.02
N PRO A 93 2.59 -0.81 -18.68
CA PRO A 93 2.71 -0.21 -20.01
C PRO A 93 2.05 -1.05 -21.09
N GLY A 94 2.11 -2.37 -20.94
CA GLY A 94 1.50 -3.26 -21.91
C GLY A 94 0.40 -4.11 -21.31
N ALA A 95 -0.48 -3.47 -20.54
CA ALA A 95 -1.58 -4.19 -19.90
C ALA A 95 -2.42 -4.95 -20.93
N HIS A 96 -3.40 -5.70 -20.45
CA HIS A 96 -4.26 -6.48 -21.34
C HIS A 96 -5.73 -6.17 -21.07
N ASN A 97 -6.07 -5.99 -19.80
CA ASN A 97 -7.45 -5.69 -19.41
C ASN A 97 -7.49 -4.51 -18.44
N SER A 98 -8.64 -3.84 -18.39
CA SER A 98 -8.81 -2.68 -17.51
C SER A 98 -9.43 -3.10 -16.18
N ASN A 99 -10.34 -4.07 -16.23
CA ASN A 99 -11.00 -4.57 -15.03
C ASN A 99 -10.11 -5.56 -14.28
N GLN A 100 -9.06 -5.04 -13.65
CA GLN A 100 -8.14 -5.89 -12.91
C GLN A 100 -7.18 -5.04 -12.06
N PRO A 101 -6.37 -4.21 -12.74
CA PRO A 101 -5.40 -3.34 -12.07
C PRO A 101 -6.09 -2.20 -11.31
N GLY A 102 -5.28 -1.26 -10.83
CA GLY A 102 -5.82 -0.13 -10.08
C GLY A 102 -6.44 -0.55 -8.76
N LEU A 103 -5.66 -1.25 -7.95
CA LEU A 103 -6.13 -1.72 -6.65
C LEU A 103 -5.99 -0.62 -5.60
N GLU A 104 -6.91 -0.61 -4.63
CA GLU A 104 -6.87 0.38 -3.56
C GLU A 104 -6.93 -0.29 -2.19
N ILE A 105 -5.99 0.09 -1.32
CA ILE A 105 -5.92 -0.47 0.02
C ILE A 105 -6.60 0.45 1.04
N PRO A 106 -7.62 -0.08 1.72
CA PRO A 106 -8.37 0.68 2.73
C PRO A 106 -7.54 0.93 3.99
N LEU A 107 -7.26 2.21 4.26
CA LEU A 107 -6.49 2.58 5.44
C LEU A 107 -7.24 3.59 6.29
N TYR A 108 -8.01 3.09 7.25
CA TYR A 108 -8.79 3.95 8.13
C TYR A 108 -7.99 4.30 9.39
N GLY A 109 -7.96 5.59 9.71
CA GLY A 109 -7.22 6.03 10.89
C GLY A 109 -7.85 7.26 11.53
N TYR A 110 -7.98 7.24 12.85
CA TYR A 110 -8.56 8.36 13.58
C TYR A 110 -7.87 8.54 14.93
N GLY A 111 -8.31 9.56 15.67
CA GLY A 111 -7.73 9.83 16.97
C GLY A 111 -8.66 9.48 18.11
N GLY A 112 -8.11 9.04 19.23
CA GLY A 112 -8.91 8.69 20.38
C GLY A 112 -9.64 9.89 20.98
N SER A 113 -10.14 9.72 22.20
CA SER A 113 -10.86 10.80 22.87
C SER A 113 -10.60 10.76 24.38
N PRO A 2 -7.69 -33.61 -3.28
CA PRO A 2 -7.44 -32.48 -2.39
C PRO A 2 -6.24 -31.65 -2.85
N MET A 3 -6.03 -31.58 -4.16
CA MET A 3 -4.93 -30.82 -4.73
C MET A 3 -5.38 -30.02 -5.95
N GLY A 4 -4.76 -28.86 -6.16
CA GLY A 4 -5.11 -28.03 -7.30
C GLY A 4 -3.95 -27.18 -7.76
N LEU A 5 -4.18 -25.87 -7.85
CA LEU A 5 -3.15 -24.94 -8.29
C LEU A 5 -2.55 -24.19 -7.11
N LEU A 6 -1.35 -23.66 -7.30
CA LEU A 6 -0.67 -22.92 -6.25
C LEU A 6 -0.51 -21.45 -6.63
N PRO A 7 -1.62 -20.70 -6.58
CA PRO A 7 -1.63 -19.28 -6.92
C PRO A 7 -0.90 -18.43 -5.90
N LEU A 8 -0.88 -17.12 -6.11
CA LEU A 8 -0.22 -16.19 -5.20
C LEU A 8 -1.18 -15.14 -4.68
N LYS A 9 -1.02 -14.77 -3.42
CA LYS A 9 -1.88 -13.76 -2.80
C LYS A 9 -1.07 -12.57 -2.31
N VAL A 10 -1.70 -11.40 -2.25
CA VAL A 10 -1.04 -10.19 -1.81
C VAL A 10 -1.53 -9.77 -0.42
N THR A 11 -0.71 -8.98 0.27
CA THR A 11 -1.07 -8.51 1.61
C THR A 11 -1.11 -6.99 1.66
N HIS A 12 -0.51 -6.35 0.66
CA HIS A 12 -0.49 -4.89 0.59
C HIS A 12 -1.84 -4.35 0.14
N THR A 13 -2.55 -5.13 -0.66
CA THR A 13 -3.86 -4.73 -1.15
C THR A 13 -4.72 -4.14 -0.04
N THR A 14 -4.57 -4.68 1.16
CA THR A 14 -5.32 -4.21 2.32
C THR A 14 -4.48 -4.26 3.58
N LEU A 15 -4.63 -3.24 4.43
CA LEU A 15 -3.87 -3.16 5.67
C LEU A 15 -4.82 -3.21 6.87
N CYS A 16 -4.36 -3.84 7.96
CA CYS A 16 -5.15 -3.95 9.17
C CYS A 16 -4.48 -3.23 10.33
N TRP A 17 -5.24 -2.39 11.02
CA TRP A 17 -4.71 -1.64 12.16
C TRP A 17 -5.44 -2.03 13.45
N GLY A 18 -4.74 -1.91 14.58
CA GLY A 18 -5.34 -2.25 15.85
C GLY A 18 -5.86 -1.04 16.58
N SER A 19 -6.34 -1.25 17.81
CA SER A 19 -6.86 -0.15 18.62
C SER A 19 -5.76 0.82 19.02
N THR A 20 -5.91 2.07 18.60
CA THR A 20 -4.93 3.11 18.91
C THR A 20 -5.49 4.14 19.87
N LYS A 21 -4.70 4.52 20.86
CA LYS A 21 -5.13 5.51 21.85
C LYS A 21 -4.39 6.83 21.65
N LEU A 22 -4.99 7.92 22.14
CA LEU A 22 -4.39 9.24 22.01
C LEU A 22 -3.06 9.31 22.74
N ARG A 23 -2.16 10.16 22.26
CA ARG A 23 -0.85 10.32 22.87
C ARG A 23 -0.03 9.04 22.75
N THR A 24 -0.44 8.16 21.83
CA THR A 24 0.25 6.90 21.61
C THR A 24 0.89 6.85 20.23
N ASP A 25 1.85 5.95 20.05
CA ASP A 25 2.54 5.81 18.78
C ASP A 25 2.49 4.36 18.30
N VAL A 26 2.03 4.16 17.06
CA VAL A 26 1.94 2.83 16.48
C VAL A 26 2.70 2.74 15.17
N ARG A 27 3.47 1.67 15.01
CA ARG A 27 4.25 1.46 13.79
C ARG A 27 3.75 0.25 13.03
N LYS A 28 3.42 0.46 11.75
CA LYS A 28 2.93 -0.62 10.90
C LYS A 28 3.75 -0.72 9.62
N SER A 29 3.92 -1.93 9.11
CA SER A 29 4.68 -2.17 7.89
C SER A 29 3.98 -3.19 7.00
N MET A 30 4.16 -3.05 5.69
CA MET A 30 3.56 -3.96 4.73
C MET A 30 4.44 -4.13 3.51
N GLN A 31 4.36 -5.30 2.88
CA GLN A 31 5.16 -5.58 1.69
C GLN A 31 4.33 -6.33 0.64
N VAL A 32 4.70 -6.16 -0.62
CA VAL A 32 4.00 -6.83 -1.71
C VAL A 32 4.94 -7.69 -2.53
N LYS A 33 4.47 -8.87 -2.92
CA LYS A 33 5.28 -9.79 -3.71
C LYS A 33 4.46 -10.41 -4.84
N ASN A 34 5.02 -10.42 -6.04
CA ASN A 34 4.33 -11.00 -7.19
C ASN A 34 5.31 -11.19 -8.35
N THR A 35 5.45 -12.44 -8.79
CA THR A 35 6.34 -12.77 -9.90
C THR A 35 5.71 -12.40 -11.24
N ALA A 36 6.25 -11.37 -11.89
CA ALA A 36 5.74 -10.93 -13.17
C ALA A 36 6.64 -11.40 -14.31
N ASP A 37 6.04 -11.73 -15.44
CA ASP A 37 6.78 -12.20 -16.61
C ASP A 37 6.81 -11.13 -17.70
N LYS A 38 6.20 -9.98 -17.42
CA LYS A 38 6.16 -8.89 -18.37
C LYS A 38 6.97 -7.69 -17.87
N ARG A 39 7.34 -6.80 -18.78
CA ARG A 39 8.11 -5.61 -18.42
C ARG A 39 7.21 -4.37 -18.41
N LEU A 40 6.56 -4.14 -17.28
CA LEU A 40 5.67 -2.99 -17.13
C LEU A 40 6.21 -2.03 -16.07
N VAL A 41 6.12 -0.74 -16.36
CA VAL A 41 6.59 0.29 -15.43
C VAL A 41 5.42 0.91 -14.66
N ILE A 42 5.46 0.78 -13.33
CA ILE A 42 4.40 1.33 -12.49
C ILE A 42 4.98 2.27 -11.43
N ARG A 43 4.23 3.31 -11.11
CA ARG A 43 4.67 4.28 -10.11
C ARG A 43 3.58 4.53 -9.07
N LEU A 44 3.93 4.40 -7.80
CA LEU A 44 2.98 4.61 -6.71
C LEU A 44 3.37 5.82 -5.88
N GLY A 45 2.38 6.69 -5.61
CA GLY A 45 2.64 7.88 -4.82
C GLY A 45 1.55 8.15 -3.80
N ILE A 46 1.92 8.81 -2.71
CA ILE A 46 0.98 9.13 -1.65
C ILE A 46 0.90 10.62 -1.40
N GLN A 47 -0.31 11.16 -1.34
CA GLN A 47 -0.51 12.58 -1.10
C GLN A 47 -1.74 12.82 -0.22
N GLY A 48 -1.71 13.91 0.55
CA GLY A 48 -2.82 14.23 1.41
C GLY A 48 -2.40 14.35 2.87
N PRO A 49 -2.63 13.29 3.65
CA PRO A 49 -2.28 13.26 5.08
C PRO A 49 -0.78 13.24 5.30
N GLY A 50 -0.34 13.84 6.41
CA GLY A 50 1.08 13.87 6.73
C GLY A 50 1.65 12.49 7.00
N PHE A 51 0.79 11.59 7.48
CA PHE A 51 1.22 10.23 7.79
C PHE A 51 0.63 9.23 6.79
N GLN A 52 1.47 8.34 6.29
CA GLN A 52 1.02 7.32 5.33
C GLN A 52 2.19 6.44 4.90
N LEU A 53 2.00 5.71 3.81
CA LEU A 53 3.03 4.81 3.30
C LEU A 53 4.36 5.54 3.15
N VAL A 54 5.25 5.34 4.12
CA VAL A 54 6.56 5.98 4.10
C VAL A 54 7.67 4.96 4.38
N GLY A 55 8.85 5.23 3.85
CA GLY A 55 9.97 4.34 4.05
C GLY A 55 10.59 3.86 2.75
N THR A 56 11.10 2.64 2.75
CA THR A 56 11.72 2.06 1.56
C THR A 56 10.66 1.53 0.61
N ASP A 57 9.76 2.40 0.18
CA ASP A 57 8.70 2.02 -0.74
C ASP A 57 9.10 2.30 -2.18
N SER A 58 10.15 1.63 -2.65
CA SER A 58 10.64 1.82 -4.01
C SER A 58 9.63 1.29 -5.03
N SER A 59 8.69 2.14 -5.43
CA SER A 59 7.67 1.77 -6.40
C SER A 59 7.50 2.84 -7.46
N THR A 60 7.52 4.10 -7.03
CA THR A 60 7.37 5.22 -7.94
C THR A 60 8.39 5.16 -9.06
N ILE A 61 9.51 4.50 -8.80
CA ILE A 61 10.58 4.36 -9.79
C ILE A 61 10.16 3.42 -10.91
N THR A 62 11.09 3.16 -11.83
CA THR A 62 10.83 2.27 -12.95
C THR A 62 11.05 0.81 -12.56
N LEU A 63 9.96 0.07 -12.42
CA LEU A 63 10.04 -1.34 -12.05
C LEU A 63 8.77 -2.09 -12.45
N GLN A 64 8.78 -3.40 -12.28
CA GLN A 64 7.63 -4.22 -12.62
C GLN A 64 7.07 -4.93 -11.39
N ALA A 65 6.06 -5.76 -11.60
CA ALA A 65 5.45 -6.51 -10.51
C ALA A 65 6.46 -7.42 -9.83
N MET A 66 7.43 -7.89 -10.60
CA MET A 66 8.47 -8.78 -10.07
C MET A 66 9.26 -8.09 -8.97
N GLU A 67 9.38 -6.77 -9.06
CA GLU A 67 10.11 -5.99 -8.08
C GLU A 67 9.48 -6.12 -6.69
N CYS A 68 10.02 -5.40 -5.72
CA CYS A 68 9.52 -5.44 -4.36
C CYS A 68 9.43 -4.03 -3.77
N ARG A 69 8.34 -3.77 -3.06
CA ARG A 69 8.12 -2.46 -2.44
C ARG A 69 7.63 -2.61 -1.00
N SER A 70 8.27 -1.88 -0.09
CA SER A 70 7.90 -1.93 1.32
C SER A 70 7.25 -0.63 1.75
N VAL A 71 6.02 -0.73 2.28
CA VAL A 71 5.29 0.44 2.73
C VAL A 71 5.11 0.42 4.25
N VAL A 72 5.69 1.40 4.92
CA VAL A 72 5.60 1.49 6.38
C VAL A 72 4.86 2.77 6.80
N ILE A 73 3.80 2.60 7.58
CA ILE A 73 3.02 3.73 8.06
C ILE A 73 3.07 3.83 9.58
N ASN A 74 3.18 5.06 10.08
CA ASN A 74 3.23 5.30 11.52
C ASN A 74 2.09 6.22 11.96
N PHE A 75 1.27 5.74 12.88
CA PHE A 75 0.15 6.51 13.39
C PHE A 75 0.42 6.99 14.82
N CYS A 76 0.19 8.28 15.05
CA CYS A 76 0.41 8.86 16.37
C CYS A 76 -0.55 10.02 16.62
N PRO A 77 -1.85 9.68 16.75
CA PRO A 77 -2.90 10.68 16.99
C PRO A 77 -2.81 11.28 18.38
N THR A 78 -3.11 12.57 18.49
CA THR A 78 -3.08 13.27 19.77
C THR A 78 -4.48 13.53 20.30
N VAL A 79 -5.41 13.78 19.38
CA VAL A 79 -6.79 14.05 19.75
C VAL A 79 -7.76 13.36 18.80
N CYS A 80 -8.95 13.04 19.30
CA CYS A 80 -9.96 12.37 18.49
C CYS A 80 -10.21 13.13 17.19
N GLY A 81 -9.98 12.45 16.07
CA GLY A 81 -10.18 13.07 14.77
C GLY A 81 -10.82 12.13 13.78
N ALA A 82 -11.23 12.67 12.63
CA ALA A 82 -11.87 11.88 11.59
C ALA A 82 -11.17 12.07 10.25
N ALA A 83 -9.84 11.96 10.25
CA ALA A 83 -9.06 12.11 9.03
C ALA A 83 -8.43 10.80 8.61
N ILE A 84 -8.68 10.40 7.37
CA ILE A 84 -8.12 9.15 6.85
C ILE A 84 -7.56 9.35 5.45
N GLY A 85 -6.59 8.50 5.07
CA GLY A 85 -5.99 8.60 3.76
C GLY A 85 -6.08 7.30 2.98
N ALA A 86 -5.21 7.16 1.99
CA ALA A 86 -5.19 5.94 1.17
C ALA A 86 -4.06 6.00 0.14
N LEU A 87 -3.92 4.92 -0.62
CA LEU A 87 -2.88 4.85 -1.65
C LEU A 87 -3.50 4.84 -3.04
N SER A 88 -2.93 5.65 -3.94
CA SER A 88 -3.42 5.73 -5.31
C SER A 88 -2.53 4.94 -6.26
N PHE A 89 -3.15 4.35 -7.28
CA PHE A 89 -2.40 3.55 -8.26
C PHE A 89 -2.44 4.23 -9.63
N TYR A 90 -1.36 4.07 -10.38
CA TYR A 90 -1.26 4.66 -11.71
C TYR A 90 -1.11 3.58 -12.78
N ALA A 91 -1.60 3.86 -13.98
CA ALA A 91 -1.52 2.91 -15.09
C ALA A 91 -0.13 2.93 -15.72
N PRO A 92 0.24 1.82 -16.37
CA PRO A 92 1.53 1.68 -17.03
C PRO A 92 1.66 2.56 -18.27
N PRO A 93 2.89 2.68 -18.79
CA PRO A 93 3.17 3.50 -19.97
C PRO A 93 2.59 2.88 -21.24
N GLY A 94 2.73 1.57 -21.37
CA GLY A 94 2.22 0.88 -22.54
C GLY A 94 2.51 -0.61 -22.51
N ALA A 95 1.69 -1.38 -23.22
CA ALA A 95 1.85 -2.83 -23.26
C ALA A 95 0.86 -3.46 -24.24
N HIS A 96 1.11 -4.72 -24.58
CA HIS A 96 0.24 -5.44 -25.51
C HIS A 96 -1.14 -5.68 -24.90
N ASN A 97 -1.20 -6.59 -23.93
CA ASN A 97 -2.46 -6.91 -23.26
C ASN A 97 -2.59 -6.12 -21.96
N SER A 98 -2.51 -4.80 -22.06
CA SER A 98 -2.62 -3.93 -20.89
C SER A 98 -3.90 -4.24 -20.11
N ASN A 99 -4.01 -3.66 -18.92
CA ASN A 99 -5.17 -3.86 -18.07
C ASN A 99 -5.81 -2.53 -17.70
N GLN A 100 -6.80 -2.59 -16.81
CA GLN A 100 -7.50 -1.39 -16.36
C GLN A 100 -7.29 -1.16 -14.87
N PRO A 101 -6.05 -0.79 -14.50
CA PRO A 101 -5.70 -0.54 -13.10
C PRO A 101 -6.35 0.73 -12.55
N GLY A 102 -5.93 1.13 -11.36
CA GLY A 102 -6.48 2.32 -10.74
C GLY A 102 -7.29 2.01 -9.49
N LEU A 103 -6.76 1.11 -8.66
CA LEU A 103 -7.43 0.73 -7.42
C LEU A 103 -6.82 1.46 -6.22
N GLU A 104 -7.61 1.61 -5.17
CA GLU A 104 -7.15 2.28 -3.96
C GLU A 104 -7.26 1.36 -2.75
N ILE A 105 -6.20 1.31 -1.95
CA ILE A 105 -6.17 0.47 -0.76
C ILE A 105 -6.85 1.17 0.42
N PRO A 106 -7.85 0.50 1.02
CA PRO A 106 -8.59 1.03 2.16
C PRO A 106 -7.75 1.10 3.43
N LEU A 107 -7.48 2.31 3.89
CA LEU A 107 -6.67 2.52 5.09
C LEU A 107 -7.44 3.34 6.12
N TYR A 108 -8.10 2.65 7.04
CA TYR A 108 -8.88 3.33 8.08
C TYR A 108 -8.01 3.59 9.31
N GLY A 109 -8.02 4.84 9.78
CA GLY A 109 -7.24 5.19 10.95
C GLY A 109 -7.85 6.36 11.72
N TYR A 110 -8.01 6.17 13.03
CA TYR A 110 -8.58 7.21 13.88
C TYR A 110 -7.87 7.27 15.22
N GLY A 111 -8.24 8.25 16.04
CA GLY A 111 -7.63 8.40 17.35
C GLY A 111 -8.56 8.04 18.48
N GLY A 112 -8.03 7.44 19.53
CA GLY A 112 -8.84 7.04 20.66
C GLY A 112 -9.36 8.24 21.45
N SER A 113 -9.70 8.01 22.71
CA SER A 113 -10.21 9.07 23.57
C SER A 113 -9.20 9.43 24.66
N PRO A 2 -7.37 -30.44 -8.14
CA PRO A 2 -6.05 -29.84 -8.02
C PRO A 2 -4.96 -30.89 -7.88
N MET A 3 -3.95 -30.82 -8.75
CA MET A 3 -2.84 -31.76 -8.71
C MET A 3 -1.58 -31.10 -8.14
N GLY A 4 -1.25 -29.92 -8.64
CA GLY A 4 -0.08 -29.21 -8.18
C GLY A 4 -0.02 -27.79 -8.68
N LEU A 5 -0.82 -26.91 -8.07
CA LEU A 5 -0.87 -25.51 -8.46
C LEU A 5 -0.12 -24.64 -7.46
N LEU A 6 0.46 -23.54 -7.95
CA LEU A 6 1.20 -22.62 -7.09
C LEU A 6 0.67 -21.20 -7.22
N PRO A 7 -0.52 -20.96 -6.65
CA PRO A 7 -1.17 -19.64 -6.70
C PRO A 7 -0.45 -18.62 -5.83
N LEU A 8 -0.70 -17.34 -6.10
CA LEU A 8 -0.07 -16.27 -5.34
C LEU A 8 -1.11 -15.45 -4.58
N LYS A 9 -0.76 -15.08 -3.35
CA LYS A 9 -1.67 -14.29 -2.52
C LYS A 9 -1.04 -12.97 -2.13
N VAL A 10 -1.87 -11.96 -1.87
CA VAL A 10 -1.40 -10.64 -1.49
C VAL A 10 -1.73 -10.34 -0.02
N THR A 11 -1.00 -9.40 0.56
CA THR A 11 -1.20 -9.01 1.95
C THR A 11 -1.32 -7.50 2.10
N HIS A 12 -0.63 -6.78 1.22
CA HIS A 12 -0.66 -5.32 1.25
C HIS A 12 -1.98 -4.79 0.68
N THR A 13 -2.73 -5.66 0.02
CA THR A 13 -4.00 -5.28 -0.57
C THR A 13 -4.85 -4.50 0.43
N THR A 14 -4.74 -4.86 1.71
CA THR A 14 -5.49 -4.19 2.76
C THR A 14 -4.70 -4.11 4.05
N LEU A 15 -4.81 -2.98 4.74
CA LEU A 15 -4.09 -2.79 6.00
C LEU A 15 -5.06 -2.76 7.18
N CYS A 16 -4.64 -3.34 8.29
CA CYS A 16 -5.47 -3.38 9.50
C CYS A 16 -4.81 -2.61 10.64
N TRP A 17 -5.59 -1.77 11.31
CA TRP A 17 -5.08 -0.97 12.42
C TRP A 17 -5.83 -1.30 13.70
N GLY A 18 -5.14 -1.15 14.83
CA GLY A 18 -5.75 -1.45 16.12
C GLY A 18 -6.22 -0.19 16.83
N SER A 19 -6.70 -0.36 18.06
CA SER A 19 -7.19 0.77 18.85
C SER A 19 -6.05 1.70 19.23
N THR A 20 -6.15 2.95 18.79
CA THR A 20 -5.13 3.95 19.09
C THR A 20 -5.66 5.02 20.04
N LYS A 21 -4.84 5.39 21.02
CA LYS A 21 -5.23 6.41 22.00
C LYS A 21 -4.46 7.70 21.76
N LEU A 22 -5.02 8.81 22.23
CA LEU A 22 -4.39 10.12 22.06
C LEU A 22 -3.05 10.17 22.79
N ARG A 23 -2.13 10.98 22.28
CA ARG A 23 -0.81 11.12 22.89
C ARG A 23 -0.03 9.82 22.78
N THR A 24 -0.47 8.95 21.89
CA THR A 24 0.19 7.66 21.69
C THR A 24 0.81 7.56 20.30
N ASP A 25 1.75 6.64 20.13
CA ASP A 25 2.42 6.46 18.84
C ASP A 25 2.35 5.00 18.41
N VAL A 26 1.86 4.77 17.19
CA VAL A 26 1.74 3.42 16.66
C VAL A 26 2.44 3.30 15.30
N ARG A 27 3.21 2.24 15.13
CA ARG A 27 3.93 2.00 13.87
C ARG A 27 3.55 0.65 13.28
N LYS A 28 3.30 0.64 11.97
CA LYS A 28 2.94 -0.58 11.26
C LYS A 28 3.67 -0.69 9.94
N SER A 29 4.00 -1.91 9.55
CA SER A 29 4.70 -2.15 8.29
C SER A 29 4.16 -3.39 7.59
N MET A 30 4.20 -3.37 6.26
CA MET A 30 3.70 -4.50 5.47
C MET A 30 4.50 -4.63 4.17
N GLN A 31 4.56 -5.85 3.64
CA GLN A 31 5.29 -6.11 2.41
C GLN A 31 4.50 -7.07 1.51
N VAL A 32 4.52 -6.80 0.20
CA VAL A 32 3.82 -7.64 -0.76
C VAL A 32 4.79 -8.24 -1.77
N LYS A 33 4.50 -9.46 -2.21
CA LYS A 33 5.34 -10.15 -3.18
C LYS A 33 4.49 -10.80 -4.27
N ASN A 34 5.04 -10.89 -5.48
CA ASN A 34 4.33 -11.49 -6.60
C ASN A 34 5.31 -11.92 -7.69
N THR A 35 5.28 -13.20 -8.05
CA THR A 35 6.16 -13.73 -9.07
C THR A 35 5.68 -13.34 -10.46
N ALA A 36 6.42 -12.45 -11.11
CA ALA A 36 6.07 -12.00 -12.45
C ALA A 36 7.16 -12.36 -13.46
N ASP A 37 6.76 -12.69 -14.67
CA ASP A 37 7.70 -13.05 -15.72
C ASP A 37 7.79 -11.96 -16.78
N LYS A 38 7.04 -10.87 -16.56
CA LYS A 38 7.04 -9.75 -17.50
C LYS A 38 7.68 -8.52 -16.88
N ARG A 39 8.10 -7.58 -17.72
CA ARG A 39 8.73 -6.36 -17.25
C ARG A 39 7.85 -5.14 -17.54
N LEU A 40 7.09 -4.72 -16.54
CA LEU A 40 6.20 -3.57 -16.68
C LEU A 40 6.64 -2.43 -15.78
N VAL A 41 6.56 -1.21 -16.30
CA VAL A 41 6.95 -0.02 -15.54
C VAL A 41 5.73 0.67 -14.93
N ILE A 42 5.69 0.74 -13.61
CA ILE A 42 4.57 1.38 -12.91
C ILE A 42 5.08 2.45 -11.95
N ARG A 43 4.23 3.44 -11.67
CA ARG A 43 4.58 4.52 -10.76
C ARG A 43 3.64 4.55 -9.57
N LEU A 44 4.22 4.62 -8.36
CA LEU A 44 3.42 4.67 -7.14
C LEU A 44 3.77 5.90 -6.30
N GLY A 45 2.74 6.59 -5.82
CA GLY A 45 2.96 7.78 -5.03
C GLY A 45 2.05 7.83 -3.82
N ILE A 46 2.50 8.53 -2.77
CA ILE A 46 1.72 8.65 -1.55
C ILE A 46 1.43 10.11 -1.22
N GLN A 47 0.29 10.37 -0.59
CA GLN A 47 -0.10 11.72 -0.22
C GLN A 47 -0.80 11.74 1.14
N GLY A 48 -0.46 12.73 1.95
CA GLY A 48 -1.07 12.84 3.27
C GLY A 48 -0.44 13.94 4.10
N PRO A 49 -1.15 14.38 5.15
CA PRO A 49 -0.67 15.44 6.05
C PRO A 49 0.49 14.97 6.92
N GLY A 50 1.33 14.12 6.36
CA GLY A 50 2.48 13.62 7.10
C GLY A 50 2.39 12.12 7.36
N PHE A 51 1.18 11.57 7.25
CA PHE A 51 0.97 10.15 7.47
C PHE A 51 0.61 9.44 6.17
N GLN A 52 1.21 8.28 5.94
CA GLN A 52 0.96 7.51 4.73
C GLN A 52 1.94 6.35 4.62
N LEU A 53 2.00 5.74 3.44
CA LEU A 53 2.89 4.61 3.20
C LEU A 53 4.34 5.08 3.08
N VAL A 54 4.89 5.55 4.20
CA VAL A 54 6.28 6.03 4.22
C VAL A 54 7.25 4.87 4.39
N GLY A 55 8.46 5.05 3.87
CA GLY A 55 9.48 4.01 3.98
C GLY A 55 9.20 2.84 3.06
N THR A 56 9.31 3.07 1.76
CA THR A 56 9.06 2.03 0.77
C THR A 56 10.30 1.79 -0.09
N ASP A 57 10.51 0.54 -0.47
CA ASP A 57 11.66 0.18 -1.29
C ASP A 57 11.77 1.10 -2.50
N SER A 58 10.93 0.87 -3.50
CA SER A 58 10.94 1.69 -4.71
C SER A 58 9.94 1.15 -5.72
N SER A 59 9.01 2.01 -6.14
CA SER A 59 7.99 1.63 -7.11
C SER A 59 7.88 2.67 -8.22
N THR A 60 8.01 3.94 -7.85
CA THR A 60 7.93 5.03 -8.81
C THR A 60 8.79 4.75 -10.04
N ILE A 61 9.92 4.08 -9.82
CA ILE A 61 10.83 3.75 -10.91
C ILE A 61 10.41 2.46 -11.60
N THR A 62 11.25 1.99 -12.53
CA THR A 62 10.97 0.77 -13.26
C THR A 62 10.93 -0.43 -12.33
N LEU A 63 9.74 -0.76 -11.83
CA LEU A 63 9.57 -1.89 -10.93
C LEU A 63 8.48 -2.83 -11.44
N GLN A 64 8.69 -4.13 -11.25
CA GLN A 64 7.72 -5.14 -11.68
C GLN A 64 7.15 -5.89 -10.49
N ALA A 65 6.20 -6.79 -10.77
CA ALA A 65 5.57 -7.58 -9.72
C ALA A 65 6.60 -8.38 -8.94
N MET A 66 7.65 -8.82 -9.63
CA MET A 66 8.72 -9.59 -9.00
C MET A 66 9.43 -8.76 -7.93
N GLU A 67 9.43 -7.44 -8.11
CA GLU A 67 10.09 -6.55 -7.16
C GLU A 67 9.48 -6.69 -5.78
N CYS A 68 9.83 -5.76 -4.88
CA CYS A 68 9.32 -5.78 -3.52
C CYS A 68 8.81 -4.40 -3.12
N ARG A 69 7.68 -4.37 -2.42
CA ARG A 69 7.08 -3.12 -1.97
C ARG A 69 6.90 -3.12 -0.46
N SER A 70 7.42 -2.08 0.19
CA SER A 70 7.33 -1.96 1.64
C SER A 70 6.45 -0.77 2.03
N VAL A 71 5.40 -1.04 2.79
CA VAL A 71 4.48 0.00 3.24
C VAL A 71 4.52 0.15 4.76
N VAL A 72 5.06 1.28 5.22
CA VAL A 72 5.15 1.54 6.65
C VAL A 72 4.46 2.85 7.01
N ILE A 73 3.48 2.78 7.90
CA ILE A 73 2.74 3.95 8.32
C ILE A 73 2.77 4.10 9.84
N ASN A 74 2.90 5.34 10.31
CA ASN A 74 2.95 5.62 11.74
C ASN A 74 1.84 6.60 12.13
N PHE A 75 0.99 6.16 13.05
CA PHE A 75 -0.11 6.99 13.52
C PHE A 75 0.15 7.50 14.94
N CYS A 76 -0.04 8.79 15.15
CA CYS A 76 0.18 9.40 16.45
C CYS A 76 -0.65 10.68 16.60
N PRO A 77 -1.97 10.53 16.59
CA PRO A 77 -2.90 11.67 16.72
C PRO A 77 -2.88 12.27 18.12
N THR A 78 -3.34 13.51 18.23
CA THR A 78 -3.37 14.20 19.51
C THR A 78 -4.79 14.31 20.04
N VAL A 79 -5.75 14.44 19.13
CA VAL A 79 -7.16 14.55 19.51
C VAL A 79 -8.04 13.75 18.56
N CYS A 80 -9.18 13.30 19.06
CA CYS A 80 -10.12 12.51 18.27
C CYS A 80 -10.43 13.23 16.95
N GLY A 81 -10.02 12.61 15.85
CA GLY A 81 -10.26 13.20 14.54
C GLY A 81 -10.71 12.17 13.52
N ALA A 82 -11.14 12.64 12.35
CA ALA A 82 -11.60 11.76 11.30
C ALA A 82 -10.77 11.95 10.03
N ALA A 83 -9.51 11.55 10.08
CA ALA A 83 -8.61 11.68 8.93
C ALA A 83 -8.08 10.32 8.49
N ILE A 84 -8.26 10.01 7.21
CA ILE A 84 -7.81 8.74 6.66
C ILE A 84 -7.07 8.94 5.35
N GLY A 85 -6.17 8.02 5.02
CA GLY A 85 -5.41 8.11 3.79
C GLY A 85 -5.81 7.04 2.78
N ALA A 86 -4.95 6.83 1.79
CA ALA A 86 -5.22 5.84 0.76
C ALA A 86 -4.08 5.77 -0.25
N LEU A 87 -3.87 4.60 -0.83
CA LEU A 87 -2.80 4.40 -1.82
C LEU A 87 -3.38 4.35 -3.23
N SER A 88 -2.70 5.00 -4.16
CA SER A 88 -3.15 5.01 -5.56
C SER A 88 -2.15 4.28 -6.45
N PHE A 89 -2.67 3.67 -7.52
CA PHE A 89 -1.84 2.93 -8.45
C PHE A 89 -1.95 3.50 -9.86
N TYR A 90 -0.89 3.34 -10.65
CA TYR A 90 -0.87 3.85 -12.02
C TYR A 90 -0.73 2.70 -13.02
N ALA A 91 -1.27 2.90 -14.21
CA ALA A 91 -1.21 1.89 -15.26
C ALA A 91 0.10 1.98 -16.03
N PRO A 92 0.50 0.87 -16.66
CA PRO A 92 1.74 0.80 -17.44
C PRO A 92 1.66 1.60 -18.73
N PRO A 93 2.81 1.78 -19.38
CA PRO A 93 2.90 2.54 -20.65
C PRO A 93 2.24 1.79 -21.80
N GLY A 94 0.91 1.85 -21.86
CA GLY A 94 0.18 1.19 -22.92
C GLY A 94 -1.07 1.95 -23.33
N ALA A 95 -1.43 1.83 -24.61
CA ALA A 95 -2.62 2.52 -25.12
C ALA A 95 -3.56 1.53 -25.81
N HIS A 96 -2.97 0.55 -26.50
CA HIS A 96 -3.76 -0.46 -27.20
C HIS A 96 -4.82 -1.07 -26.29
N ASN A 97 -4.38 -1.51 -25.11
CA ASN A 97 -5.28 -2.11 -24.14
C ASN A 97 -4.55 -2.47 -22.86
N SER A 98 -5.29 -2.53 -21.75
CA SER A 98 -4.71 -2.87 -20.46
C SER A 98 -5.77 -2.88 -19.36
N ASN A 99 -5.62 -3.80 -18.42
CA ASN A 99 -6.56 -3.91 -17.32
C ASN A 99 -6.59 -2.64 -16.48
N GLN A 100 -7.18 -2.73 -15.29
CA GLN A 100 -7.28 -1.58 -14.39
C GLN A 100 -6.40 -1.77 -13.17
N PRO A 101 -5.08 -1.58 -13.34
CA PRO A 101 -4.11 -1.74 -12.25
C PRO A 101 -4.23 -0.64 -11.21
N GLY A 102 -5.02 0.39 -11.52
CA GLY A 102 -5.21 1.49 -10.59
C GLY A 102 -6.10 1.12 -9.43
N LEU A 103 -5.59 0.28 -8.54
CA LEU A 103 -6.35 -0.15 -7.37
C LEU A 103 -6.09 0.76 -6.18
N GLU A 104 -7.08 0.87 -5.30
CA GLU A 104 -6.95 1.71 -4.12
C GLU A 104 -7.12 0.89 -2.84
N ILE A 105 -6.10 0.91 -1.99
CA ILE A 105 -6.14 0.17 -0.74
C ILE A 105 -6.77 1.00 0.38
N PRO A 106 -7.81 0.44 1.01
CA PRO A 106 -8.52 1.10 2.10
C PRO A 106 -7.68 1.21 3.37
N LEU A 107 -7.28 2.42 3.71
CA LEU A 107 -6.47 2.66 4.90
C LEU A 107 -7.23 3.50 5.92
N TYR A 108 -7.92 2.83 6.83
CA TYR A 108 -8.69 3.52 7.86
C TYR A 108 -7.84 3.74 9.12
N GLY A 109 -7.85 4.97 9.61
CA GLY A 109 -7.08 5.29 10.80
C GLY A 109 -7.64 6.51 11.53
N TYR A 110 -7.90 6.35 12.82
CA TYR A 110 -8.43 7.44 13.63
C TYR A 110 -7.73 7.50 14.99
N GLY A 111 -8.12 8.48 15.80
CA GLY A 111 -7.52 8.63 17.12
C GLY A 111 -8.45 8.21 18.23
N GLY A 112 -7.91 8.08 19.44
CA GLY A 112 -8.72 7.68 20.58
C GLY A 112 -9.21 8.87 21.38
N SER A 113 -9.56 8.63 22.64
CA SER A 113 -10.06 9.68 23.52
C SER A 113 -8.95 10.18 24.45
#